data_4LV5
#
_entry.id   4LV5
#
_cell.length_a   52.600
_cell.length_b   54.700
_cell.length_c   85.600
_cell.angle_alpha   99.000
_cell.angle_beta   106.600
_cell.angle_gamma   106.900
#
_symmetry.space_group_name_H-M   'P 1'
#
loop_
_entity.id
_entity.type
_entity.pdbx_description
1 polymer 'Rhoptry protein 5B'
2 polymer 'Interferon-inducible GTPase 1'
3 non-polymer "ADENOSINE-5'-DIPHOSPHATE"
4 non-polymer BETA-MERCAPTOETHANOL
5 non-polymer 1,2-ETHANEDIOL
6 non-polymer "GUANOSINE-5'-DIPHOSPHATE"
7 water water
#
loop_
_entity_poly.entity_id
_entity_poly.type
_entity_poly.pdbx_seq_one_letter_code
_entity_poly.pdbx_strand_id
1 'polypeptide(L)'
;GSHMEAGDSFMRDLLKREEELIGYCREEALKEPAAMVEAVTATVWPQNAETTVDSLLSQGERKLKLVEPLRVGDRSVVFL
VRDVERLEDFALKVFTMGAENSRSELERLHEATFAAARLLGESPEEARDRRRLLLPSDAVAVQSQPPFAQLSPGQDDYAV
ANYLLLMPAASVDLELLFSTLDFVYVFRGDEGILALHILTAQLIRLAANLQSKGLVHGHFTPDNLFIMPDGRLMLGDVSA
LWKVGTRGPASSVPVTYAPREFLNASTATFTHALNAWQLGLSIYRVWCLFLPFGLVTPGIKGSWKRPSLRVPGTDSLAFG
SCTPLPDFVKTLIGRFLNFDRRRRLLPLEAMETPEFLQLQNEISSSLSTGQ
;
A
2 'polypeptide(L)'
;GSPGIPGSTTMGQLFSSPKSDENNDLPSSFTGYFKKFNTGRKIISQEILNLIELRMRKGNIQLTNSAISDALKEIDSSVL
NVAVTGETGSGKSSFINTLRGIGNEEEGAAKTGVVEVTMERHPYKHPNIPNVVFWDLPGIGSTNFPPNTYLEKMKFYEYD
FFIIISATRFKKNDIDIAKAISMMKKEFYFVRTKVDSDITNEADGKPQTFDKEKVLQDIRLNCVNTFRENGIAEPPIFLL
SNKNVCHYDFPVLMDKLISDLPIYKRHNFMVSLPNITDSVIEKKRQFLKQRIWLEGFAADLVNIIPSLTFLLDSDLETLK
KSMKFYRTVFGVDETSLQRLARDWEIEVDQVEAMIKSPAVFKPTDEETIQERLSRYIQEFCLANGYLLPKNSFLKEIFYL
KYYFLDMVTEDAKTLLKEICLRN
;
B
#
loop_
_chem_comp.id
_chem_comp.type
_chem_comp.name
_chem_comp.formula
ADP non-polymer ADENOSINE-5'-DIPHOSPHATE 'C10 H15 N5 O10 P2'
BME non-polymer BETA-MERCAPTOETHANOL 'C2 H6 O S'
EDO non-polymer 1,2-ETHANEDIOL 'C2 H6 O2'
GDP RNA linking GUANOSINE-5'-DIPHOSPHATE 'C10 H15 N5 O11 P2'
#
# COMPACT_ATOMS: atom_id res chain seq x y z
N GLU A 5 -29.89 -2.51 17.60
CA GLU A 5 -29.51 -3.80 18.17
C GLU A 5 -28.80 -4.70 17.16
N ALA A 6 -29.35 -4.74 15.95
CA ALA A 6 -28.76 -5.52 14.87
C ALA A 6 -27.32 -5.06 14.61
N GLY A 7 -27.15 -3.75 14.43
CA GLY A 7 -25.83 -3.18 14.21
C GLY A 7 -24.91 -3.35 15.40
N ASP A 8 -25.45 -3.18 16.60
CA ASP A 8 -24.68 -3.40 17.84
C ASP A 8 -24.08 -4.79 17.87
N SER A 9 -24.89 -5.81 17.61
CA SER A 9 -24.40 -7.18 17.63
C SER A 9 -23.37 -7.43 16.53
N PHE A 10 -23.54 -6.78 15.37
CA PHE A 10 -22.56 -6.94 14.31
C PHE A 10 -21.24 -6.34 14.74
N MET A 11 -21.28 -5.16 15.34
CA MET A 11 -20.06 -4.52 15.84
C MET A 11 -19.39 -5.36 16.93
N ARG A 12 -20.20 -5.89 17.84
CA ARG A 12 -19.71 -6.79 18.87
C ARG A 12 -18.94 -7.96 18.27
N ASP A 13 -19.54 -8.61 17.27
CA ASP A 13 -18.89 -9.75 16.64
C ASP A 13 -17.65 -9.35 15.84
N LEU A 14 -17.68 -8.16 15.28
CA LEU A 14 -16.50 -7.70 14.53
C LEU A 14 -15.34 -7.41 15.47
N LEU A 15 -15.64 -6.78 16.62
CA LEU A 15 -14.66 -6.54 17.67
C LEU A 15 -13.98 -7.81 18.13
N LYS A 16 -14.78 -8.84 18.36
CA LYS A 16 -14.25 -10.15 18.75
C LYS A 16 -13.34 -10.68 17.65
N ARG A 17 -13.75 -10.49 16.41
CA ARG A 17 -12.92 -10.94 15.27
C ARG A 17 -11.56 -10.24 15.25
N GLU A 18 -11.54 -8.94 15.57
CA GLU A 18 -10.30 -8.17 15.49
C GLU A 18 -9.63 -8.00 16.83
N GLU A 19 -10.10 -8.75 17.81
CA GLU A 19 -9.65 -8.61 19.20
C GLU A 19 -8.13 -8.68 19.37
N GLU A 20 -7.49 -9.64 18.70
CA GLU A 20 -6.05 -9.81 18.85
C GLU A 20 -5.30 -8.63 18.23
N LEU A 21 -5.83 -8.11 17.12
CA LEU A 21 -5.16 -7.02 16.42
C LEU A 21 -5.31 -5.71 17.21
N ILE A 22 -6.50 -5.46 17.73
CA ILE A 22 -6.70 -4.32 18.62
C ILE A 22 -5.78 -4.41 19.83
N GLY A 23 -5.66 -5.60 20.42
CA GLY A 23 -4.76 -5.83 21.54
C GLY A 23 -3.31 -5.54 21.19
N TYR A 24 -2.89 -5.98 20.01
CA TYR A 24 -1.55 -5.70 19.53
C TYR A 24 -1.29 -4.21 19.41
N CYS A 25 -2.21 -3.48 18.79
CA CYS A 25 -2.00 -2.04 18.59
C CYS A 25 -2.11 -1.29 19.91
N ARG A 26 -2.91 -1.82 20.82
N ARG A 26 -2.90 -1.84 20.82
CA ARG A 26 -3.03 -1.26 22.16
CA ARG A 26 -3.03 -1.25 22.15
C ARG A 26 -1.68 -1.30 22.86
C ARG A 26 -1.69 -1.30 22.87
N GLU A 27 -1.02 -2.45 22.77
CA GLU A 27 0.30 -2.61 23.40
C GLU A 27 1.33 -1.75 22.70
N GLU A 28 1.28 -1.73 21.39
CA GLU A 28 2.17 -0.87 20.61
C GLU A 28 2.05 0.58 21.03
N ALA A 29 0.83 1.04 21.27
CA ALA A 29 0.62 2.42 21.68
C ALA A 29 1.26 2.74 23.03
N LEU A 30 1.50 1.72 23.85
CA LEU A 30 2.06 1.94 25.18
C LEU A 30 3.60 1.97 25.21
N LYS A 31 4.24 1.61 24.10
CA LYS A 31 5.70 1.55 24.08
C LYS A 31 6.33 2.94 24.21
N GLU A 32 5.86 3.87 23.39
CA GLU A 32 6.33 5.26 23.47
C GLU A 32 6.22 5.89 24.88
N PRO A 33 5.03 5.78 25.53
CA PRO A 33 4.93 6.35 26.88
C PRO A 33 5.29 5.37 27.98
N ALA A 34 6.16 4.40 27.70
CA ALA A 34 6.50 3.36 28.67
C ALA A 34 6.94 3.91 30.03
N ALA A 35 7.80 4.91 30.02
CA ALA A 35 8.29 5.50 31.26
C ALA A 35 7.13 6.01 32.12
N MET A 36 6.15 6.67 31.48
CA MET A 36 4.95 7.16 32.17
C MET A 36 4.09 6.01 32.71
N VAL A 37 3.81 5.02 31.87
CA VAL A 37 3.03 3.87 32.31
C VAL A 37 3.64 3.16 33.52
N GLU A 38 4.95 2.92 33.47
CA GLU A 38 5.64 2.20 34.53
C GLU A 38 5.62 3.00 35.82
N ALA A 39 5.88 4.31 35.70
CA ALA A 39 5.94 5.17 36.87
C ALA A 39 4.57 5.31 37.53
N VAL A 40 3.52 5.44 36.73
CA VAL A 40 2.17 5.51 37.29
C VAL A 40 1.77 4.18 37.89
N THR A 41 2.13 3.10 37.22
CA THR A 41 1.83 1.77 37.73
C THR A 41 2.50 1.54 39.08
N ALA A 42 3.77 1.94 39.17
CA ALA A 42 4.55 1.75 40.40
C ALA A 42 4.02 2.62 41.53
N THR A 43 3.30 3.68 41.18
CA THR A 43 2.76 4.59 42.20
C THR A 43 1.47 4.07 42.78
N VAL A 44 0.59 3.58 41.90
CA VAL A 44 -0.72 3.07 42.32
C VAL A 44 -0.63 1.66 42.90
N TRP A 45 0.29 0.87 42.34
CA TRP A 45 0.53 -0.51 42.79
C TRP A 45 2.00 -0.71 43.18
N PRO A 46 2.38 -0.14 44.33
CA PRO A 46 3.79 -0.17 44.78
C PRO A 46 4.19 -1.51 45.36
N GLN A 47 3.22 -2.32 45.76
CA GLN A 47 3.51 -3.66 46.28
C GLN A 47 3.38 -4.68 45.15
N ASN A 48 2.26 -5.39 45.11
CA ASN A 48 1.99 -6.30 43.99
C ASN A 48 0.75 -5.87 43.22
N ALA A 49 -0.02 -6.84 42.71
CA ALA A 49 -1.14 -6.51 41.82
C ALA A 49 -2.34 -5.83 42.47
N GLU A 50 -2.42 -5.84 43.80
CA GLU A 50 -3.60 -5.31 44.47
C GLU A 50 -3.31 -4.04 45.24
N THR A 51 -4.28 -3.13 45.24
CA THR A 51 -4.22 -1.95 46.08
C THR A 51 -5.59 -1.72 46.71
N THR A 52 -5.57 -1.38 47.99
CA THR A 52 -6.82 -1.20 48.74
C THR A 52 -7.22 0.28 48.71
N VAL A 53 -8.49 0.53 48.42
CA VAL A 53 -8.97 1.90 48.23
C VAL A 53 -10.28 2.13 48.98
N ASP A 54 -10.58 3.40 49.26
CA ASP A 54 -11.89 3.77 49.80
C ASP A 54 -12.66 4.59 48.78
N SER A 55 -13.95 4.32 48.66
CA SER A 55 -14.80 5.09 47.76
C SER A 55 -14.98 6.49 48.32
N LEU A 56 -14.94 7.50 47.44
CA LEU A 56 -15.28 8.87 47.83
C LEU A 56 -16.78 9.05 47.95
N LEU A 57 -17.54 8.10 47.44
CA LEU A 57 -18.98 8.17 47.54
C LEU A 57 -19.47 7.15 48.57
N SER A 58 -20.57 6.48 48.28
CA SER A 58 -21.16 5.56 49.27
C SER A 58 -20.65 4.11 49.18
N GLN A 59 -19.65 3.84 48.35
CA GLN A 59 -19.31 2.46 48.04
C GLN A 59 -18.37 1.71 48.99
N GLY A 60 -17.86 2.38 50.02
CA GLY A 60 -17.03 1.70 51.01
C GLY A 60 -15.65 1.30 50.52
N GLU A 61 -15.12 0.19 51.05
CA GLU A 61 -13.74 -0.21 50.77
C GLU A 61 -13.69 -1.24 49.65
N ARG A 62 -12.68 -1.12 48.78
CA ARG A 62 -12.46 -2.09 47.72
C ARG A 62 -10.99 -2.44 47.60
N LYS A 63 -10.72 -3.63 47.05
CA LYS A 63 -9.38 -4.01 46.63
C LYS A 63 -9.38 -4.08 45.12
N LEU A 64 -8.50 -3.31 44.49
CA LEU A 64 -8.45 -3.30 43.04
C LEU A 64 -7.21 -4.01 42.52
N LYS A 65 -7.45 -5.05 41.73
CA LYS A 65 -6.34 -5.84 41.18
C LYS A 65 -6.01 -5.38 39.78
N LEU A 66 -4.76 -4.97 39.57
CA LEU A 66 -4.30 -4.58 38.25
C LEU A 66 -4.30 -5.79 37.30
N VAL A 67 -4.99 -5.63 36.17
CA VAL A 67 -4.96 -6.66 35.13
C VAL A 67 -3.94 -6.31 34.06
N GLU A 68 -4.10 -5.12 33.48
CA GLU A 68 -3.17 -4.62 32.46
C GLU A 68 -3.42 -3.15 32.19
N PRO A 69 -2.39 -2.43 31.72
CA PRO A 69 -2.62 -1.07 31.22
C PRO A 69 -3.42 -1.09 29.93
N LEU A 70 -4.30 -0.11 29.73
CA LEU A 70 -5.11 -0.04 28.52
C LEU A 70 -4.69 1.12 27.61
N ARG A 71 -4.61 2.32 28.16
CA ARG A 71 -4.45 3.52 27.31
C ARG A 71 -3.77 4.63 28.08
N VAL A 72 -3.08 5.48 27.34
CA VAL A 72 -2.46 6.68 27.88
C VAL A 72 -3.14 7.86 27.24
N GLY A 73 -3.44 8.88 28.05
CA GLY A 73 -3.94 10.14 27.52
C GLY A 73 -2.91 11.22 27.77
N ASP A 74 -3.28 12.48 27.52
CA ASP A 74 -2.34 13.59 27.70
C ASP A 74 -1.81 13.68 29.13
N ARG A 75 -2.70 13.54 30.11
CA ARG A 75 -2.32 13.62 31.52
C ARG A 75 -2.95 12.49 32.32
N SER A 76 -3.04 11.29 31.73
CA SER A 76 -3.72 10.20 32.41
C SER A 76 -3.25 8.86 31.89
N VAL A 77 -3.45 7.82 32.70
CA VAL A 77 -3.31 6.44 32.24
C VAL A 77 -4.57 5.70 32.64
N VAL A 78 -5.10 4.88 31.74
CA VAL A 78 -6.27 4.07 32.03
C VAL A 78 -5.86 2.61 32.06
N PHE A 79 -6.23 1.94 33.15
CA PHE A 79 -5.84 0.56 33.40
C PHE A 79 -7.08 -0.32 33.43
N LEU A 80 -6.92 -1.59 33.07
CA LEU A 80 -7.99 -2.57 33.26
C LEU A 80 -7.76 -3.15 34.64
N VAL A 81 -8.76 -3.08 35.50
CA VAL A 81 -8.61 -3.61 36.86
C VAL A 81 -9.76 -4.51 37.22
N ARG A 82 -9.54 -5.29 38.27
CA ARG A 82 -10.59 -6.18 38.73
C ARG A 82 -10.86 -6.00 40.21
N ASP A 83 -12.15 -5.95 40.56
CA ASP A 83 -12.54 -6.01 41.96
C ASP A 83 -12.91 -7.47 42.21
N VAL A 84 -11.98 -8.23 42.77
CA VAL A 84 -12.17 -9.69 42.86
C VAL A 84 -13.40 -10.09 43.68
N GLU A 85 -13.61 -9.45 44.83
CA GLU A 85 -14.74 -9.85 45.67
C GLU A 85 -16.11 -9.44 45.12
N ARG A 86 -16.13 -8.57 44.10
CA ARG A 86 -17.38 -8.21 43.44
C ARG A 86 -17.55 -8.96 42.13
N LEU A 87 -16.48 -9.60 41.68
CA LEU A 87 -16.45 -10.23 40.36
C LEU A 87 -16.87 -9.21 39.31
N GLU A 88 -16.07 -8.17 39.14
CA GLU A 88 -16.36 -7.13 38.16
C GLU A 88 -15.05 -6.54 37.67
N ASP A 89 -14.96 -6.34 36.36
CA ASP A 89 -13.83 -5.63 35.79
C ASP A 89 -14.22 -4.17 35.54
N PHE A 90 -13.23 -3.28 35.62
CA PHE A 90 -13.45 -1.85 35.40
C PHE A 90 -12.28 -1.26 34.64
N ALA A 91 -12.53 -0.16 33.95
CA ALA A 91 -11.44 0.70 33.54
C ALA A 91 -11.19 1.64 34.73
N LEU A 92 -9.92 1.90 35.02
CA LEU A 92 -9.56 2.80 36.12
C LEU A 92 -8.71 3.92 35.54
N LYS A 93 -9.16 5.16 35.69
CA LYS A 93 -8.40 6.29 35.16
C LYS A 93 -7.63 6.98 36.27
N VAL A 94 -6.35 7.21 36.04
CA VAL A 94 -5.45 7.78 37.04
C VAL A 94 -4.83 9.00 36.38
N PHE A 95 -4.66 10.08 37.12
CA PHE A 95 -4.34 11.37 36.53
C PHE A 95 -2.97 11.82 37.01
N THR A 96 -2.15 12.32 36.11
CA THR A 96 -0.85 12.87 36.53
C THR A 96 -1.00 14.35 36.90
N MET A 97 -0.12 14.83 37.76
CA MET A 97 -0.22 16.21 38.23
C MET A 97 0.95 17.03 37.72
N GLY A 98 0.73 17.78 36.65
CA GLY A 98 1.72 18.74 36.19
C GLY A 98 1.50 20.08 36.86
N ALA A 99 0.25 20.52 36.86
CA ALA A 99 -0.13 21.85 37.36
C ALA A 99 -0.04 22.00 38.89
N GLU A 100 0.24 23.21 39.36
CA GLU A 100 0.26 23.48 40.79
C GLU A 100 -1.15 23.36 41.35
N ASN A 101 -2.13 23.59 40.48
CA ASN A 101 -3.52 23.48 40.88
C ASN A 101 -4.18 22.21 40.35
N SER A 102 -3.37 21.19 40.06
CA SER A 102 -3.89 19.90 39.64
C SER A 102 -4.89 19.37 40.65
N ARG A 103 -4.60 19.58 41.92
CA ARG A 103 -5.46 19.11 43.00
C ARG A 103 -6.85 19.75 42.95
N SER A 104 -6.91 21.08 42.86
CA SER A 104 -8.18 21.77 42.81
C SER A 104 -8.93 21.44 41.53
N GLU A 105 -8.20 21.27 40.43
CA GLU A 105 -8.85 20.90 39.17
C GLU A 105 -9.51 19.54 39.27
N LEU A 106 -8.88 18.60 39.95
CA LEU A 106 -9.45 17.26 40.08
C LEU A 106 -10.65 17.25 41.01
N GLU A 107 -10.59 18.03 42.09
CA GLU A 107 -11.74 18.17 42.97
C GLU A 107 -12.93 18.70 42.19
N ARG A 108 -12.66 19.66 41.31
N ARG A 108 -12.68 19.66 41.31
CA ARG A 108 -13.70 20.24 40.47
CA ARG A 108 -13.76 20.21 40.49
C ARG A 108 -14.23 19.23 39.49
C ARG A 108 -14.25 19.21 39.46
N LEU A 109 -13.32 18.46 38.88
CA LEU A 109 -13.71 17.39 37.95
C LEU A 109 -14.61 16.38 38.65
N HIS A 110 -14.26 16.03 39.89
CA HIS A 110 -15.06 15.08 40.67
C HIS A 110 -16.49 15.55 40.87
N GLU A 111 -16.62 16.76 41.39
CA GLU A 111 -17.95 17.31 41.61
C GLU A 111 -18.76 17.40 40.31
N ALA A 112 -18.16 17.93 39.26
CA ALA A 112 -18.84 18.08 37.97
C ALA A 112 -19.25 16.75 37.39
N THR A 113 -18.41 15.74 37.56
CA THR A 113 -18.71 14.42 37.03
C THR A 113 -19.88 13.78 37.76
N PHE A 114 -19.83 13.76 39.09
CA PHE A 114 -20.84 13.02 39.84
C PHE A 114 -22.13 13.77 40.06
N ALA A 115 -22.05 15.11 40.02
CA ALA A 115 -23.29 15.90 40.00
C ALA A 115 -24.07 15.57 38.74
N ALA A 116 -23.35 15.47 37.62
CA ALA A 116 -23.96 15.15 36.34
C ALA A 116 -24.46 13.71 36.28
N ALA A 117 -23.65 12.78 36.79
CA ALA A 117 -24.10 11.40 36.91
C ALA A 117 -25.30 11.33 37.87
N ARG A 132 -26.53 5.73 26.33
CA ARG A 132 -25.52 6.17 25.37
C ARG A 132 -24.31 6.87 25.98
N LEU A 133 -24.36 7.16 27.27
CA LEU A 133 -23.30 7.90 27.93
C LEU A 133 -22.55 6.96 28.86
N LEU A 134 -21.22 6.90 28.71
N LEU A 134 -21.22 6.91 28.71
CA LEU A 134 -20.39 6.10 29.61
CA LEU A 134 -20.39 6.11 29.61
C LEU A 134 -20.25 6.84 30.94
C LEU A 134 -20.24 6.83 30.95
N LEU A 135 -20.87 6.29 31.98
CA LEU A 135 -20.89 6.94 33.30
C LEU A 135 -19.88 6.27 34.23
N PRO A 136 -19.32 7.04 35.17
CA PRO A 136 -18.45 6.40 36.16
C PRO A 136 -19.23 5.49 37.10
N SER A 137 -18.53 4.51 37.67
CA SER A 137 -19.09 3.53 38.57
C SER A 137 -18.83 3.97 40.00
N ASP A 138 -17.68 4.62 40.19
CA ASP A 138 -17.21 5.01 41.51
C ASP A 138 -16.00 5.93 41.37
N ALA A 139 -15.64 6.62 42.45
CA ALA A 139 -14.34 7.31 42.51
C ALA A 139 -13.69 6.90 43.83
N VAL A 140 -12.42 6.52 43.79
CA VAL A 140 -11.75 6.01 44.98
C VAL A 140 -10.41 6.69 45.25
N ALA A 141 -9.91 6.52 46.47
CA ALA A 141 -8.60 7.03 46.89
C ALA A 141 -7.85 5.90 47.56
N VAL A 142 -6.55 5.79 47.29
CA VAL A 142 -5.68 4.85 48.00
C VAL A 142 -5.78 5.11 49.50
N GLN A 143 -5.89 4.04 50.27
CA GLN A 143 -6.08 4.14 51.73
C GLN A 143 -4.89 4.77 52.43
N SER A 144 -5.19 5.44 53.55
CA SER A 144 -4.17 6.02 54.43
C SER A 144 -3.39 7.17 53.78
N GLN A 145 -3.99 7.79 52.77
CA GLN A 145 -3.43 8.96 52.13
C GLN A 145 -4.56 9.87 51.68
N PRO A 146 -4.39 11.19 51.81
CA PRO A 146 -5.49 12.12 51.51
C PRO A 146 -5.89 12.07 50.03
N PRO A 147 -7.20 12.16 49.77
CA PRO A 147 -7.66 12.17 48.38
C PRO A 147 -7.16 13.41 47.64
N PHE A 148 -6.95 13.26 46.34
CA PHE A 148 -6.58 14.35 45.42
C PHE A 148 -5.11 14.78 45.49
N ALA A 149 -4.54 14.78 46.69
CA ALA A 149 -3.13 15.11 46.92
C ALA A 149 -2.20 14.12 46.21
N GLN A 150 -0.96 14.52 46.00
CA GLN A 150 0.00 13.64 45.31
C GLN A 150 0.18 12.32 46.06
N LEU A 151 0.18 11.23 45.30
CA LEU A 151 0.24 9.89 45.85
C LEU A 151 1.68 9.46 46.12
N SER A 152 1.88 8.72 47.21
CA SER A 152 3.14 8.05 47.49
C SER A 152 2.99 6.57 47.15
N PRO A 153 4.08 5.90 46.74
CA PRO A 153 5.44 6.42 46.61
C PRO A 153 5.62 7.28 45.35
N GLY A 154 6.19 8.47 45.54
CA GLY A 154 6.39 9.37 44.42
C GLY A 154 7.57 8.99 43.56
N GLN A 155 7.39 9.11 42.25
CA GLN A 155 8.50 9.07 41.30
C GLN A 155 8.61 10.43 40.63
N ASP A 156 9.83 10.95 40.52
CA ASP A 156 10.05 12.37 40.18
C ASP A 156 9.46 12.82 38.84
N ASP A 157 9.58 11.98 37.83
CA ASP A 157 9.14 12.36 36.49
C ASP A 157 7.60 12.39 36.33
N TYR A 158 6.88 11.75 37.24
CA TYR A 158 5.43 11.65 37.11
C TYR A 158 4.66 11.66 38.44
N ALA A 159 4.25 12.84 38.88
CA ALA A 159 3.41 12.98 40.07
C ALA A 159 2.02 12.42 39.78
N VAL A 160 1.49 11.63 40.68
CA VAL A 160 0.19 11.00 40.48
C VAL A 160 -0.76 11.46 41.59
N ALA A 161 -1.97 11.87 41.22
CA ALA A 161 -2.92 12.35 42.24
C ALA A 161 -3.65 11.18 42.86
N ASN A 162 -4.01 11.30 44.13
CA ASN A 162 -4.74 10.23 44.80
C ASN A 162 -6.22 10.34 44.51
N TYR A 163 -6.56 10.06 43.27
CA TYR A 163 -7.94 10.15 42.81
C TYR A 163 -8.07 9.22 41.62
N LEU A 164 -8.82 8.13 41.80
CA LEU A 164 -8.86 7.09 40.77
C LEU A 164 -10.31 6.88 40.35
N LEU A 165 -10.59 7.03 39.06
CA LEU A 165 -11.97 7.01 38.57
C LEU A 165 -12.29 5.67 37.97
N LEU A 166 -13.31 5.01 38.51
CA LEU A 166 -13.68 3.65 38.06
C LEU A 166 -14.85 3.75 37.08
N MET A 167 -14.80 3.02 35.97
CA MET A 167 -15.89 3.05 34.99
C MET A 167 -15.96 1.71 34.26
N PRO A 168 -17.05 1.48 33.51
CA PRO A 168 -17.02 0.27 32.66
C PRO A 168 -15.92 0.37 31.63
N ALA A 169 -15.30 -0.77 31.29
CA ALA A 169 -14.22 -0.77 30.33
C ALA A 169 -14.77 -0.94 28.91
N ALA A 170 -14.40 -0.02 28.03
CA ALA A 170 -14.78 -0.11 26.61
C ALA A 170 -13.98 -1.20 25.96
N SER A 171 -14.52 -1.78 24.89
CA SER A 171 -13.72 -2.72 24.11
C SER A 171 -12.64 -2.00 23.33
N VAL A 172 -12.99 -0.83 22.80
CA VAL A 172 -12.03 -0.01 22.08
C VAL A 172 -12.56 1.43 21.96
N ASP A 173 -11.67 2.40 21.95
CA ASP A 173 -12.09 3.76 21.66
C ASP A 173 -11.85 4.01 20.19
N LEU A 174 -12.60 4.93 19.59
CA LEU A 174 -12.49 5.14 18.15
C LEU A 174 -11.11 5.61 17.71
N GLU A 175 -10.40 6.32 18.58
CA GLU A 175 -9.06 6.79 18.25
C GLU A 175 -8.14 5.61 18.02
N LEU A 176 -8.17 4.65 18.94
CA LEU A 176 -7.37 3.44 18.79
C LEU A 176 -7.84 2.62 17.60
N LEU A 177 -9.15 2.56 17.37
CA LEU A 177 -9.64 1.84 16.19
C LEU A 177 -9.06 2.40 14.91
N PHE A 178 -9.09 3.73 14.79
CA PHE A 178 -8.58 4.38 13.59
C PHE A 178 -7.10 4.11 13.42
N SER A 179 -6.34 4.22 14.50
CA SER A 179 -4.91 3.97 14.39
CA SER A 179 -4.90 3.96 14.45
C SER A 179 -4.61 2.50 14.07
N THR A 180 -5.43 1.58 14.56
CA THR A 180 -5.32 0.16 14.22
C THR A 180 -5.55 -0.09 12.73
N LEU A 181 -6.63 0.51 12.22
CA LEU A 181 -6.95 0.44 10.79
C LEU A 181 -5.85 1.04 9.90
N ASP A 182 -5.21 2.08 10.39
CA ASP A 182 -4.10 2.71 9.68
C ASP A 182 -2.91 1.75 9.62
N PHE A 183 -2.78 0.91 10.65
CA PHE A 183 -1.69 -0.08 10.70
C PHE A 183 -1.94 -1.20 9.67
N VAL A 184 -3.07 -1.86 9.80
CA VAL A 184 -3.56 -2.82 8.80
C VAL A 184 -5.04 -2.59 8.60
N TYR A 185 -5.46 -2.40 7.35
CA TYR A 185 -6.86 -2.08 7.07
C TYR A 185 -7.75 -3.30 7.00
N VAL A 186 -8.06 -3.83 8.17
CA VAL A 186 -8.81 -5.07 8.29
C VAL A 186 -10.27 -4.93 7.91
N PHE A 187 -10.74 -3.69 7.71
CA PHE A 187 -12.12 -3.51 7.27
C PHE A 187 -12.27 -3.65 5.75
N ARG A 188 -12.03 -4.87 5.24
CA ARG A 188 -12.14 -5.23 3.81
C ARG A 188 -13.48 -5.88 3.45
N GLY A 189 -13.79 -5.91 2.17
CA GLY A 189 -15.01 -6.55 1.71
C GLY A 189 -16.27 -5.85 2.17
N ASP A 190 -17.39 -6.54 2.09
CA ASP A 190 -18.67 -5.92 2.45
C ASP A 190 -18.87 -5.79 3.96
N GLU A 191 -18.14 -6.59 4.74
CA GLU A 191 -18.24 -6.53 6.20
C GLU A 191 -17.53 -5.31 6.77
N GLY A 192 -16.33 -5.03 6.27
CA GLY A 192 -15.61 -3.85 6.67
C GLY A 192 -16.34 -2.58 6.28
N ILE A 193 -16.77 -2.54 5.02
CA ILE A 193 -17.61 -1.46 4.49
C ILE A 193 -18.89 -1.28 5.31
N LEU A 194 -19.53 -2.40 5.68
CA LEU A 194 -20.72 -2.34 6.52
C LEU A 194 -20.40 -1.73 7.89
N ALA A 195 -19.22 -2.05 8.41
CA ALA A 195 -18.82 -1.51 9.71
C ALA A 195 -18.70 -0.01 9.63
N LEU A 196 -18.17 0.47 8.51
CA LEU A 196 -18.05 1.91 8.29
C LEU A 196 -19.43 2.55 8.23
N HIS A 197 -20.37 1.91 7.52
CA HIS A 197 -21.77 2.37 7.52
C HIS A 197 -22.39 2.38 8.93
N ILE A 198 -22.23 1.29 9.67
CA ILE A 198 -22.80 1.24 11.02
C ILE A 198 -22.21 2.31 11.95
N LEU A 199 -20.89 2.47 11.94
CA LEU A 199 -20.27 3.52 12.74
C LEU A 199 -20.83 4.91 12.38
N THR A 200 -21.02 5.14 11.10
CA THR A 200 -21.53 6.44 10.62
C THR A 200 -22.93 6.68 11.18
N ALA A 201 -23.78 5.66 11.06
CA ALA A 201 -25.14 5.72 11.62
C ALA A 201 -25.12 5.85 13.14
N GLN A 202 -24.28 5.08 13.82
CA GLN A 202 -24.20 5.19 15.28
C GLN A 202 -23.78 6.59 15.73
N LEU A 203 -22.81 7.17 15.04
CA LEU A 203 -22.32 8.51 15.39
C LEU A 203 -23.47 9.53 15.25
N ILE A 204 -24.18 9.44 14.14
CA ILE A 204 -25.29 10.35 13.88
C ILE A 204 -26.38 10.21 14.93
N ARG A 205 -26.72 8.98 15.30
CA ARG A 205 -27.78 8.80 16.30
C ARG A 205 -27.36 9.24 17.69
N LEU A 206 -26.08 9.04 18.02
CA LEU A 206 -25.54 9.53 19.30
C LEU A 206 -25.67 11.04 19.38
N ALA A 207 -25.22 11.73 18.32
CA ALA A 207 -25.31 13.19 18.29
C ALA A 207 -26.77 13.65 18.29
N ALA A 208 -27.62 12.93 17.56
CA ALA A 208 -29.06 13.25 17.52
C ALA A 208 -29.70 13.09 18.91
N ASN A 209 -29.28 12.07 19.64
CA ASN A 209 -29.79 11.85 20.98
C ASN A 209 -29.46 13.00 21.91
N LEU A 210 -28.20 13.43 21.92
CA LEU A 210 -27.83 14.65 22.66
C LEU A 210 -28.73 15.82 22.27
N GLN A 211 -28.90 16.03 20.98
CA GLN A 211 -29.66 17.19 20.48
C GLN A 211 -31.09 17.16 21.00
N SER A 212 -31.69 15.96 20.98
CA SER A 212 -33.06 15.77 21.44
C SER A 212 -33.25 16.16 22.91
N LYS A 213 -32.18 16.08 23.69
CA LYS A 213 -32.25 16.44 25.10
C LYS A 213 -31.72 17.85 25.36
N GLY A 214 -31.51 18.61 24.29
CA GLY A 214 -30.91 19.93 24.41
C GLY A 214 -29.58 19.88 25.15
N LEU A 215 -28.74 18.91 24.76
CA LEU A 215 -27.44 18.75 25.39
C LEU A 215 -26.33 18.89 24.36
N VAL A 216 -25.17 19.35 24.83
CA VAL A 216 -24.01 19.59 23.98
C VAL A 216 -22.76 19.04 24.70
N HIS A 217 -21.90 18.30 24.00
CA HIS A 217 -20.67 17.81 24.63
C HIS A 217 -19.49 18.54 24.00
N GLY A 218 -18.56 19.02 24.81
CA GLY A 218 -17.42 19.76 24.29
C GLY A 218 -16.43 18.85 23.60
N HIS A 219 -16.53 17.56 23.88
CA HIS A 219 -15.51 16.60 23.47
C HIS A 219 -16.10 15.42 22.72
N PHE A 220 -16.91 15.67 21.68
CA PHE A 220 -17.42 14.60 20.85
C PHE A 220 -16.29 14.25 19.89
N THR A 221 -15.33 13.47 20.37
CA THR A 221 -14.12 13.16 19.61
C THR A 221 -13.79 11.68 19.71
N PRO A 222 -13.02 11.16 18.73
CA PRO A 222 -12.75 9.72 18.70
C PRO A 222 -12.14 9.15 19.97
N ASP A 223 -11.31 9.90 20.70
CA ASP A 223 -10.74 9.35 21.93
C ASP A 223 -11.72 9.37 23.09
N ASN A 224 -12.91 9.95 22.87
CA ASN A 224 -13.95 9.95 23.89
C ASN A 224 -15.19 9.22 23.36
N LEU A 225 -15.02 8.45 22.30
CA LEU A 225 -16.12 7.66 21.75
C LEU A 225 -15.74 6.20 21.86
N PHE A 226 -16.63 5.41 22.45
CA PHE A 226 -16.25 4.07 22.93
C PHE A 226 -17.20 3.01 22.43
N ILE A 227 -16.65 1.97 21.84
CA ILE A 227 -17.46 0.81 21.51
C ILE A 227 -17.40 -0.14 22.70
N MET A 228 -18.56 -0.43 23.25
CA MET A 228 -18.63 -1.25 24.46
C MET A 228 -18.67 -2.73 24.08
N PRO A 229 -18.50 -3.61 25.07
CA PRO A 229 -18.44 -5.03 24.72
C PRO A 229 -19.69 -5.55 24.03
N ASP A 230 -20.83 -4.88 24.24
CA ASP A 230 -22.07 -5.29 23.57
C ASP A 230 -22.24 -4.62 22.21
N GLY A 231 -21.22 -3.90 21.78
CA GLY A 231 -21.24 -3.29 20.47
C GLY A 231 -21.81 -1.89 20.38
N ARG A 232 -22.42 -1.40 21.46
CA ARG A 232 -22.98 -0.06 21.47
C ARG A 232 -21.90 1.02 21.49
N LEU A 233 -22.15 2.12 20.78
CA LEU A 233 -21.23 3.24 20.79
C LEU A 233 -21.66 4.20 21.88
N MET A 234 -20.73 4.58 22.75
CA MET A 234 -21.04 5.52 23.82
C MET A 234 -20.07 6.69 23.88
N LEU A 235 -20.57 7.80 24.44
CA LEU A 235 -19.78 9.01 24.64
C LEU A 235 -19.37 9.09 26.12
N GLY A 236 -18.11 9.42 26.39
CA GLY A 236 -17.62 9.45 27.75
C GLY A 236 -17.62 10.84 28.35
N ASP A 237 -17.13 10.92 29.58
CA ASP A 237 -16.92 12.17 30.30
C ASP A 237 -18.14 13.10 30.45
N VAL A 238 -19.06 12.68 31.32
N VAL A 238 -19.05 12.69 31.31
CA VAL A 238 -20.31 13.40 31.54
CA VAL A 238 -20.30 13.42 31.53
C VAL A 238 -20.09 14.81 32.12
C VAL A 238 -20.07 14.83 32.06
N SER A 239 -18.88 15.08 32.60
CA SER A 239 -18.55 16.41 33.12
C SER A 239 -18.50 17.46 32.01
N ALA A 240 -18.33 17.02 30.77
CA ALA A 240 -18.20 17.96 29.66
C ALA A 240 -19.53 18.12 28.92
N LEU A 241 -20.58 17.52 29.47
CA LEU A 241 -21.91 17.73 28.92
C LEU A 241 -22.42 19.11 29.37
N TRP A 242 -23.04 19.84 28.44
CA TRP A 242 -23.56 21.17 28.75
C TRP A 242 -25.02 21.22 28.36
N LYS A 243 -25.78 22.09 29.02
CA LYS A 243 -27.10 22.42 28.54
C LYS A 243 -26.88 23.34 27.34
N VAL A 244 -27.57 23.07 26.23
CA VAL A 244 -27.40 23.87 25.02
C VAL A 244 -27.59 25.35 25.30
N GLY A 245 -26.69 26.19 24.80
CA GLY A 245 -26.75 27.62 25.07
C GLY A 245 -25.95 28.05 26.29
N THR A 246 -25.46 27.08 27.08
CA THR A 246 -24.61 27.40 28.22
C THR A 246 -23.27 27.99 27.76
N ARG A 247 -22.76 28.96 28.51
CA ARG A 247 -21.49 29.56 28.17
C ARG A 247 -20.40 28.90 29.01
N GLY A 248 -19.24 28.68 28.40
CA GLY A 248 -18.13 28.04 29.10
C GLY A 248 -16.80 28.34 28.44
N PRO A 249 -15.71 27.82 29.04
CA PRO A 249 -14.34 28.00 28.55
C PRO A 249 -14.19 27.36 27.18
N ALA A 250 -13.89 28.16 26.17
CA ALA A 250 -13.71 27.63 24.82
C ALA A 250 -12.56 26.66 24.75
N SER A 251 -11.60 26.82 25.67
CA SER A 251 -10.42 25.95 25.70
C SER A 251 -10.76 24.50 26.06
N SER A 252 -11.95 24.26 26.60
CA SER A 252 -12.33 22.89 26.94
C SER A 252 -12.55 22.04 25.68
N VAL A 253 -12.71 22.68 24.52
CA VAL A 253 -12.84 21.97 23.25
C VAL A 253 -11.46 21.78 22.65
N PRO A 254 -11.09 20.52 22.36
CA PRO A 254 -9.81 20.20 21.72
C PRO A 254 -9.64 21.04 20.46
N VAL A 255 -8.52 21.75 20.32
CA VAL A 255 -8.40 22.73 19.25
C VAL A 255 -8.59 22.14 17.84
N THR A 256 -8.12 20.92 17.61
CA THR A 256 -8.30 20.34 16.28
C THR A 256 -9.73 19.89 16.02
N TYR A 257 -10.56 19.88 17.05
CA TYR A 257 -11.97 19.49 16.92
C TYR A 257 -12.90 20.69 17.16
N ALA A 258 -12.32 21.87 17.09
CA ALA A 258 -13.08 23.10 17.37
C ALA A 258 -13.32 23.82 16.06
N PRO A 259 -14.58 24.18 15.78
CA PRO A 259 -14.81 25.03 14.62
C PRO A 259 -14.33 26.46 14.92
N ARG A 260 -14.19 27.29 13.89
CA ARG A 260 -13.61 28.62 14.01
C ARG A 260 -14.19 29.46 15.13
N GLU A 261 -15.51 29.40 15.30
CA GLU A 261 -16.17 30.24 16.29
C GLU A 261 -15.82 29.85 17.73
N PHE A 262 -15.10 28.74 17.91
CA PHE A 262 -14.62 28.38 19.23
C PHE A 262 -13.16 28.74 19.44
N LEU A 263 -12.55 29.37 18.43
CA LEU A 263 -11.13 29.69 18.50
C LEU A 263 -10.88 31.19 18.65
N ASN A 264 -11.96 31.96 18.67
CA ASN A 264 -11.87 33.42 18.65
C ASN A 264 -12.19 34.08 19.99
N ALA A 265 -12.38 33.30 21.05
CA ALA A 265 -12.75 33.88 22.33
C ALA A 265 -12.42 32.99 23.52
N SER A 266 -12.18 33.63 24.66
CA SER A 266 -11.94 32.93 25.91
C SER A 266 -13.17 32.11 26.28
N THR A 267 -14.34 32.71 26.08
CA THR A 267 -15.59 32.11 26.50
C THR A 267 -16.48 31.93 25.28
N ALA A 268 -17.14 30.77 25.18
CA ALA A 268 -17.97 30.47 24.04
C ALA A 268 -19.31 29.91 24.47
N THR A 269 -20.31 30.04 23.61
CA THR A 269 -21.62 29.45 23.84
C THR A 269 -21.60 28.02 23.27
N PHE A 270 -22.02 27.04 24.09
CA PHE A 270 -22.00 25.65 23.63
C PHE A 270 -23.31 25.28 22.92
N THR A 271 -23.19 24.88 21.67
CA THR A 271 -24.33 24.91 20.76
C THR A 271 -24.45 23.59 20.04
N HIS A 272 -25.61 23.35 19.47
CA HIS A 272 -25.80 22.18 18.62
C HIS A 272 -24.88 22.24 17.41
N ALA A 273 -24.63 23.44 16.89
CA ALA A 273 -23.69 23.58 15.78
C ALA A 273 -22.30 23.02 16.10
N LEU A 274 -21.89 23.14 17.36
CA LEU A 274 -20.59 22.56 17.77
C LEU A 274 -20.57 21.06 17.56
N ASN A 275 -21.63 20.40 18.01
CA ASN A 275 -21.62 18.95 17.85
C ASN A 275 -21.91 18.51 16.42
N ALA A 276 -22.61 19.33 15.63
CA ALA A 276 -22.71 19.02 14.20
C ALA A 276 -21.32 19.03 13.56
N TRP A 277 -20.52 20.02 13.92
CA TRP A 277 -19.16 20.12 13.39
C TRP A 277 -18.33 18.90 13.81
N GLN A 278 -18.33 18.60 15.11
CA GLN A 278 -17.56 17.47 15.62
C GLN A 278 -18.05 16.14 15.06
N LEU A 279 -19.36 16.00 14.88
CA LEU A 279 -19.92 14.83 14.22
C LEU A 279 -19.39 14.69 12.80
N GLY A 280 -19.32 15.80 12.08
CA GLY A 280 -18.73 15.75 10.74
C GLY A 280 -17.30 15.30 10.74
N LEU A 281 -16.51 15.78 11.69
CA LEU A 281 -15.12 15.39 11.81
C LEU A 281 -14.98 13.89 12.02
N SER A 282 -15.76 13.33 12.94
CA SER A 282 -15.68 11.92 13.30
C SER A 282 -16.14 11.02 12.17
N ILE A 283 -17.21 11.39 11.47
CA ILE A 283 -17.62 10.61 10.30
C ILE A 283 -16.54 10.70 9.23
N TYR A 284 -15.94 11.87 9.04
CA TYR A 284 -14.84 11.98 8.07
C TYR A 284 -13.72 11.02 8.47
N ARG A 285 -13.37 11.00 9.74
CA ARG A 285 -12.31 10.09 10.19
C ARG A 285 -12.68 8.63 10.04
N VAL A 286 -13.92 8.26 10.26
CA VAL A 286 -14.35 6.89 9.97
C VAL A 286 -13.94 6.43 8.58
N TRP A 287 -14.14 7.31 7.59
CA TRP A 287 -13.87 6.97 6.19
C TRP A 287 -12.48 7.34 5.72
N CYS A 288 -11.79 8.20 6.46
CA CYS A 288 -10.54 8.79 5.96
C CYS A 288 -9.35 8.57 6.89
N LEU A 289 -9.64 8.22 8.14
CA LEU A 289 -8.65 8.07 9.23
C LEU A 289 -8.00 9.36 9.75
N PHE A 290 -7.52 10.23 8.85
CA PHE A 290 -7.02 11.55 9.27
C PHE A 290 -8.18 12.56 9.34
N LEU A 291 -7.92 13.70 9.99
CA LEU A 291 -8.87 14.81 10.01
C LEU A 291 -8.85 15.52 8.66
N PRO A 292 -9.92 16.26 8.32
CA PRO A 292 -9.94 17.05 7.09
C PRO A 292 -9.20 18.35 7.28
N PHE A 293 -9.12 19.16 6.23
CA PHE A 293 -8.51 20.48 6.29
C PHE A 293 -7.05 20.48 6.71
N GLY A 294 -6.35 19.38 6.48
CA GLY A 294 -4.96 19.25 6.87
C GLY A 294 -4.65 19.29 8.37
N LEU A 295 -5.69 19.19 9.21
CA LEU A 295 -5.51 19.26 10.64
C LEU A 295 -4.62 18.11 11.14
N VAL A 296 -3.68 18.43 12.04
CA VAL A 296 -2.81 17.40 12.62
C VAL A 296 -3.62 16.29 13.30
N THR A 297 -3.29 15.07 12.96
CA THR A 297 -3.98 13.89 13.50
C THR A 297 -2.92 12.90 13.97
N PRO A 298 -2.50 13.05 15.24
CA PRO A 298 -1.43 12.22 15.79
C PRO A 298 -1.75 10.74 15.66
N GLY A 299 -0.77 9.94 15.23
CA GLY A 299 -0.97 8.51 15.13
C GLY A 299 -1.56 8.00 13.82
N ILE A 300 -1.70 8.90 12.85
CA ILE A 300 -2.17 8.53 11.53
C ILE A 300 -1.17 9.03 10.51
N LYS A 301 -0.75 8.14 9.62
CA LYS A 301 0.36 8.43 8.72
C LYS A 301 0.09 9.52 7.68
N GLY A 302 -1.09 9.50 7.07
CA GLY A 302 -1.41 10.45 6.01
C GLY A 302 -1.64 11.90 6.45
N SER A 303 -1.51 12.16 7.74
CA SER A 303 -1.85 13.45 8.33
C SER A 303 -0.89 14.59 7.97
N TRP A 304 -1.44 15.77 7.69
CA TRP A 304 -0.62 16.97 7.61
C TRP A 304 -0.44 17.54 9.03
N LYS A 305 -0.04 18.79 9.16
CA LYS A 305 0.37 19.30 10.47
C LYS A 305 -0.34 20.56 10.95
N ARG A 306 -1.42 20.94 10.28
CA ARG A 306 -2.15 22.15 10.66
C ARG A 306 -2.64 22.05 12.11
N PRO A 307 -2.21 22.99 12.95
CA PRO A 307 -2.50 23.00 14.39
C PRO A 307 -3.98 23.24 14.71
N SER A 308 -4.64 24.04 13.88
CA SER A 308 -6.06 24.36 14.06
C SER A 308 -6.52 25.20 12.90
N LEU A 309 -7.82 25.48 12.85
CA LEU A 309 -8.42 26.27 11.76
C LEU A 309 -8.11 27.78 11.82
N ARG A 310 -7.54 28.25 12.93
CA ARG A 310 -7.17 29.67 13.02
C ARG A 310 -5.91 29.95 12.19
N VAL A 311 -5.13 28.89 11.96
CA VAL A 311 -3.98 28.93 11.08
C VAL A 311 -4.45 28.71 9.64
N PRO A 312 -4.02 29.56 8.71
CA PRO A 312 -4.51 29.38 7.33
C PRO A 312 -4.01 28.07 6.72
N GLY A 313 -4.84 27.46 5.88
CA GLY A 313 -4.49 26.22 5.19
C GLY A 313 -5.59 25.87 4.21
N THR A 314 -5.73 24.58 3.92
CA THR A 314 -6.76 24.11 3.00
C THR A 314 -8.11 24.05 3.71
N ASP A 315 -8.95 25.06 3.51
CA ASP A 315 -10.29 25.05 4.10
C ASP A 315 -11.31 24.34 3.21
N SER A 316 -10.86 23.87 2.05
CA SER A 316 -11.73 23.05 1.22
C SER A 316 -11.75 21.61 1.75
N LEU A 317 -12.90 20.96 1.63
CA LEU A 317 -13.07 19.57 2.09
C LEU A 317 -12.62 18.60 1.01
N ALA A 318 -11.51 17.90 1.26
CA ALA A 318 -10.95 17.00 0.25
C ALA A 318 -11.11 15.54 0.64
N PHE A 319 -11.67 14.72 -0.26
CA PHE A 319 -11.89 13.31 0.02
C PHE A 319 -10.97 12.35 -0.76
N GLY A 320 -10.05 12.92 -1.53
CA GLY A 320 -9.23 12.13 -2.45
C GLY A 320 -8.45 11.01 -1.80
N SER A 321 -7.95 11.24 -0.59
CA SER A 321 -7.10 10.25 0.05
C SER A 321 -7.84 9.40 1.08
N CYS A 322 -9.16 9.55 1.09
CA CYS A 322 -10.04 8.70 1.88
C CYS A 322 -10.27 7.35 1.25
N THR A 323 -10.84 6.44 2.02
CA THR A 323 -11.50 5.27 1.45
C THR A 323 -12.60 5.77 0.50
N PRO A 324 -12.84 5.07 -0.61
CA PRO A 324 -13.92 5.46 -1.55
C PRO A 324 -15.29 5.38 -0.90
N LEU A 325 -15.69 6.48 -0.29
CA LEU A 325 -16.95 6.53 0.43
C LEU A 325 -18.13 6.80 -0.52
N PRO A 326 -19.32 6.31 -0.17
CA PRO A 326 -20.51 6.57 -1.01
C PRO A 326 -20.88 8.04 -1.01
N ASP A 327 -21.58 8.47 -2.07
N ASP A 327 -21.57 8.48 -2.07
CA ASP A 327 -21.99 9.86 -2.21
CA ASP A 327 -21.96 9.89 -2.19
C ASP A 327 -22.88 10.34 -1.08
C ASP A 327 -22.89 10.36 -1.06
N PHE A 328 -23.75 9.47 -0.58
CA PHE A 328 -24.69 9.88 0.48
C PHE A 328 -23.94 10.16 1.78
N VAL A 329 -22.80 9.50 1.98
CA VAL A 329 -21.96 9.85 3.13
C VAL A 329 -21.21 11.16 2.90
N LYS A 330 -20.63 11.31 1.71
CA LYS A 330 -19.94 12.53 1.33
CA LYS A 330 -19.93 12.54 1.35
C LYS A 330 -20.83 13.74 1.58
N THR A 331 -22.07 13.63 1.13
CA THR A 331 -23.01 14.74 1.26
C THR A 331 -23.27 15.07 2.72
N LEU A 332 -23.50 14.04 3.54
CA LEU A 332 -23.79 14.28 4.95
C LEU A 332 -22.59 14.93 5.63
N ILE A 333 -21.38 14.46 5.33
CA ILE A 333 -20.18 15.06 5.93
C ILE A 333 -20.09 16.53 5.53
N GLY A 334 -20.29 16.78 4.24
CA GLY A 334 -20.22 18.13 3.69
C GLY A 334 -21.17 19.05 4.43
N ARG A 335 -22.39 18.58 4.64
CA ARG A 335 -23.41 19.40 5.32
C ARG A 335 -23.12 19.63 6.81
N PHE A 336 -22.54 18.64 7.48
CA PHE A 336 -22.17 18.84 8.89
C PHE A 336 -21.00 19.79 8.99
N LEU A 337 -20.11 19.72 8.00
CA LEU A 337 -18.88 20.53 8.02
C LEU A 337 -19.01 21.85 7.26
N ASN A 338 -20.19 22.42 7.30
CA ASN A 338 -20.38 23.78 6.79
C ASN A 338 -19.67 24.75 7.73
N PHE A 339 -18.79 25.59 7.19
CA PHE A 339 -18.05 26.52 8.05
C PHE A 339 -18.97 27.57 8.67
N ASP A 340 -20.10 27.80 8.02
CA ASP A 340 -21.06 28.81 8.52
C ASP A 340 -21.82 28.23 9.70
N ARG A 341 -21.62 28.82 10.88
CA ARG A 341 -22.19 28.30 12.12
C ARG A 341 -23.71 28.41 12.18
N ARG A 342 -24.30 29.09 11.20
CA ARG A 342 -25.76 29.20 11.12
C ARG A 342 -26.40 28.28 10.11
N ARG A 343 -25.56 27.55 9.38
CA ARG A 343 -26.07 26.71 8.29
C ARG A 343 -25.62 25.25 8.36
N ARG A 344 -25.09 24.82 9.50
CA ARG A 344 -24.71 23.40 9.64
C ARG A 344 -25.95 22.53 9.83
N LEU A 345 -25.92 21.36 9.23
CA LEU A 345 -26.99 20.38 9.38
C LEU A 345 -26.89 19.78 10.77
N LEU A 346 -27.99 19.81 11.50
CA LEU A 346 -28.02 19.20 12.84
C LEU A 346 -28.39 17.75 12.71
N PRO A 347 -27.94 16.92 13.66
CA PRO A 347 -28.14 15.46 13.55
C PRO A 347 -29.61 15.00 13.48
N LEU A 348 -30.51 15.54 14.30
CA LEU A 348 -31.91 15.15 14.20
C LEU A 348 -32.45 15.39 12.78
N GLU A 349 -32.19 16.58 12.24
CA GLU A 349 -32.54 16.93 10.86
C GLU A 349 -31.87 15.99 9.87
N ALA A 350 -30.62 15.63 10.14
CA ALA A 350 -29.92 14.72 9.27
C ALA A 350 -30.62 13.37 9.14
N MET A 351 -31.21 12.89 10.23
CA MET A 351 -31.85 11.58 10.20
C MET A 351 -33.12 11.55 9.35
N GLU A 352 -33.67 12.73 9.07
CA GLU A 352 -34.84 12.82 8.20
C GLU A 352 -34.48 12.99 6.72
N THR A 353 -33.20 13.07 6.42
CA THR A 353 -32.75 13.24 5.03
C THR A 353 -32.86 11.94 4.23
N PRO A 354 -32.95 12.06 2.89
CA PRO A 354 -32.89 10.86 2.03
C PRO A 354 -31.55 10.15 2.18
N GLU A 355 -30.47 10.91 2.37
CA GLU A 355 -29.15 10.32 2.54
C GLU A 355 -29.08 9.44 3.78
N PHE A 356 -29.68 9.87 4.88
CA PHE A 356 -29.68 9.01 6.05
C PHE A 356 -30.56 7.78 5.84
N LEU A 357 -31.68 7.98 5.14
CA LEU A 357 -32.52 6.87 4.77
C LEU A 357 -31.74 5.85 3.95
N GLN A 358 -30.97 6.33 2.98
CA GLN A 358 -30.18 5.43 2.14
C GLN A 358 -29.15 4.68 2.99
N LEU A 359 -28.53 5.38 3.93
CA LEU A 359 -27.55 4.77 4.83
C LEU A 359 -28.22 3.64 5.57
N GLN A 360 -29.40 3.92 6.12
CA GLN A 360 -30.14 2.93 6.90
C GLN A 360 -30.52 1.70 6.07
N ASN A 361 -30.90 1.93 4.81
CA ASN A 361 -31.27 0.83 3.92
C ASN A 361 -30.10 -0.02 3.48
N GLU A 362 -28.95 0.60 3.23
CA GLU A 362 -27.72 -0.14 2.95
C GLU A 362 -27.36 -1.03 4.13
N ILE A 363 -27.51 -0.50 5.34
CA ILE A 363 -27.24 -1.26 6.56
C ILE A 363 -28.26 -2.38 6.75
N SER A 364 -29.53 -2.08 6.51
CA SER A 364 -30.60 -3.07 6.68
C SER A 364 -30.46 -4.20 5.67
N SER A 365 -30.24 -3.84 4.41
CA SER A 365 -30.11 -4.86 3.36
C SER A 365 -28.91 -5.77 3.63
N SER A 366 -27.78 -5.16 3.97
CA SER A 366 -26.55 -5.91 4.26
C SER A 366 -26.68 -6.83 5.48
N LEU A 367 -27.36 -6.37 6.52
CA LEU A 367 -27.52 -7.18 7.72
C LEU A 367 -28.39 -8.43 7.52
N SER A 368 -29.61 -8.24 6.99
CA SER A 368 -30.51 -9.37 6.75
C SER A 368 -30.30 -9.99 5.36
N ASN B 24 12.97 -28.58 -47.04
CA ASN B 24 14.11 -28.89 -47.90
C ASN B 24 14.47 -27.72 -48.81
N ASP B 25 13.53 -26.79 -49.00
CA ASP B 25 13.90 -25.54 -49.66
C ASP B 25 14.11 -24.49 -48.58
N LEU B 26 15.03 -23.57 -48.84
CA LEU B 26 15.45 -22.61 -47.83
C LEU B 26 14.34 -21.68 -47.33
N PRO B 27 13.51 -21.11 -48.24
CA PRO B 27 12.47 -20.24 -47.68
C PRO B 27 11.52 -20.97 -46.73
N SER B 28 11.22 -22.23 -47.03
CA SER B 28 10.37 -23.03 -46.17
C SER B 28 11.01 -23.28 -44.82
N SER B 29 12.31 -23.55 -44.84
CA SER B 29 13.06 -23.76 -43.59
C SER B 29 13.05 -22.47 -42.80
N PHE B 30 13.21 -21.35 -43.48
CA PHE B 30 13.22 -20.06 -42.81
C PHE B 30 11.91 -19.79 -42.04
N THR B 31 10.77 -19.89 -42.73
CA THR B 31 9.47 -19.65 -42.09
C THR B 31 9.13 -20.73 -41.09
N GLY B 32 9.57 -21.95 -41.37
CA GLY B 32 9.23 -23.08 -40.52
C GLY B 32 9.79 -22.97 -39.12
N TYR B 33 10.89 -22.25 -38.99
CA TYR B 33 11.54 -22.08 -37.70
C TYR B 33 10.60 -21.35 -36.76
N PHE B 34 9.90 -20.36 -37.30
CA PHE B 34 9.04 -19.52 -36.49
C PHE B 34 7.77 -20.25 -36.03
N LYS B 35 7.35 -21.25 -36.79
CA LYS B 35 6.14 -22.00 -36.45
C LYS B 35 6.35 -22.87 -35.23
N LYS B 36 7.61 -23.08 -34.88
CA LYS B 36 7.98 -23.89 -33.73
C LYS B 36 7.83 -23.12 -32.43
N PHE B 37 7.54 -21.83 -32.55
CA PHE B 37 7.25 -21.00 -31.38
C PHE B 37 5.76 -20.75 -31.25
N ASN B 38 5.25 -20.78 -30.02
CA ASN B 38 3.83 -20.55 -29.79
C ASN B 38 3.39 -19.13 -30.11
N THR B 39 2.13 -18.98 -30.50
CA THR B 39 1.54 -17.66 -30.72
C THR B 39 1.79 -16.79 -29.48
N GLY B 40 2.23 -15.56 -29.70
CA GLY B 40 2.61 -14.68 -28.60
C GLY B 40 4.09 -14.75 -28.25
N ARG B 41 4.80 -15.72 -28.83
CA ARG B 41 6.25 -15.79 -28.66
C ARG B 41 6.96 -15.42 -29.96
N LYS B 42 6.21 -14.98 -30.96
CA LYS B 42 6.81 -14.65 -32.25
C LYS B 42 7.31 -13.21 -32.22
N ILE B 43 8.50 -13.00 -32.79
CA ILE B 43 9.15 -11.70 -32.76
C ILE B 43 8.69 -10.79 -33.91
N ILE B 44 8.12 -11.39 -34.95
CA ILE B 44 7.62 -10.63 -36.09
C ILE B 44 6.25 -11.14 -36.52
N SER B 45 5.49 -10.29 -37.21
CA SER B 45 4.14 -10.63 -37.65
C SER B 45 4.15 -11.57 -38.85
N GLN B 46 3.01 -12.20 -39.10
CA GLN B 46 2.85 -13.04 -40.27
C GLN B 46 3.09 -12.27 -41.57
N GLU B 47 2.67 -11.01 -41.57
CA GLU B 47 2.81 -10.14 -42.75
C GLU B 47 4.28 -9.98 -43.12
N ILE B 48 5.10 -9.68 -42.13
CA ILE B 48 6.54 -9.52 -42.34
C ILE B 48 7.18 -10.85 -42.78
N LEU B 49 6.77 -11.94 -42.16
CA LEU B 49 7.27 -13.26 -42.49
C LEU B 49 6.94 -13.57 -43.95
N ASN B 50 5.71 -13.25 -44.34
CA ASN B 50 5.27 -13.47 -45.72
C ASN B 50 6.11 -12.70 -46.74
N LEU B 51 6.43 -11.46 -46.41
CA LEU B 51 7.24 -10.61 -47.28
C LEU B 51 8.66 -11.15 -47.44
N ILE B 52 9.28 -11.53 -46.32
CA ILE B 52 10.62 -12.10 -46.37
C ILE B 52 10.62 -13.40 -47.17
N GLU B 53 9.63 -14.25 -46.92
CA GLU B 53 9.54 -15.54 -47.63
C GLU B 53 9.37 -15.31 -49.12
N LEU B 54 8.54 -14.32 -49.45
CA LEU B 54 8.27 -14.01 -50.85
C LEU B 54 9.55 -13.62 -51.57
N ARG B 55 10.29 -12.67 -50.98
CA ARG B 55 11.55 -12.22 -51.59
C ARG B 55 12.59 -13.32 -51.67
N MET B 56 12.62 -14.19 -50.66
CA MET B 56 13.53 -15.33 -50.68
CA MET B 56 13.52 -15.34 -50.67
C MET B 56 13.22 -16.25 -51.86
N ARG B 57 11.93 -16.48 -52.11
CA ARG B 57 11.51 -17.36 -53.20
C ARG B 57 11.87 -16.76 -54.55
N LYS B 58 11.76 -15.44 -54.64
CA LYS B 58 12.07 -14.72 -55.88
C LYS B 58 13.59 -14.58 -56.08
N GLY B 59 14.36 -15.05 -55.11
CA GLY B 59 15.80 -15.10 -55.26
C GLY B 59 16.52 -13.76 -55.25
N ASN B 60 15.82 -12.66 -54.98
CA ASN B 60 16.52 -11.39 -54.80
C ASN B 60 17.03 -11.21 -53.38
N ILE B 61 18.32 -11.46 -53.21
CA ILE B 61 18.99 -11.47 -51.93
C ILE B 61 18.98 -10.09 -51.29
N GLN B 62 19.19 -9.07 -52.11
CA GLN B 62 19.27 -7.68 -51.68
C GLN B 62 17.96 -7.20 -51.04
N LEU B 63 16.84 -7.50 -51.69
CA LEU B 63 15.53 -7.19 -51.13
C LEU B 63 15.20 -8.11 -49.95
N THR B 64 15.70 -9.34 -49.99
CA THR B 64 15.55 -10.25 -48.85
C THR B 64 16.25 -9.67 -47.62
N ASN B 65 17.49 -9.22 -47.80
CA ASN B 65 18.22 -8.59 -46.70
C ASN B 65 17.50 -7.37 -46.16
N SER B 66 17.06 -6.50 -47.08
CA SER B 66 16.43 -5.25 -46.68
C SER B 66 15.12 -5.49 -45.93
N ALA B 67 14.40 -6.55 -46.28
CA ALA B 67 13.19 -6.90 -45.56
C ALA B 67 13.51 -7.33 -44.12
N ILE B 68 14.52 -8.17 -43.97
CA ILE B 68 14.99 -8.57 -42.66
C ILE B 68 15.53 -7.37 -41.89
N SER B 69 16.36 -6.56 -42.54
CA SER B 69 16.91 -5.36 -41.91
C SER B 69 15.80 -4.40 -41.43
N ASP B 70 14.82 -4.15 -42.29
CA ASP B 70 13.71 -3.27 -41.95
C ASP B 70 12.97 -3.77 -40.72
N ALA B 71 12.72 -5.08 -40.68
CA ALA B 71 11.99 -5.70 -39.58
C ALA B 71 12.73 -5.52 -38.25
N LEU B 72 14.04 -5.73 -38.30
CA LEU B 72 14.88 -5.62 -37.12
C LEU B 72 14.95 -4.17 -36.64
N LYS B 73 15.01 -3.25 -37.59
CA LYS B 73 15.07 -1.83 -37.24
C LYS B 73 13.77 -1.35 -36.62
N GLU B 74 12.64 -1.77 -37.21
CA GLU B 74 11.32 -1.46 -36.63
C GLU B 74 11.23 -1.99 -35.21
N ILE B 75 11.74 -3.20 -34.98
CA ILE B 75 11.81 -3.78 -33.64
C ILE B 75 12.70 -2.96 -32.70
N ASP B 76 13.90 -2.63 -33.16
CA ASP B 76 14.88 -1.95 -32.31
C ASP B 76 14.50 -0.51 -31.99
N SER B 77 13.84 0.15 -32.92
CA SER B 77 13.51 1.55 -32.72
C SER B 77 12.14 1.74 -32.07
N SER B 78 11.44 0.65 -31.76
CA SER B 78 10.15 0.76 -31.08
C SER B 78 10.35 1.39 -29.71
N VAL B 79 9.45 2.28 -29.33
CA VAL B 79 9.56 2.98 -28.05
C VAL B 79 8.41 2.57 -27.17
N LEU B 80 8.69 2.23 -25.91
CA LEU B 80 7.62 1.88 -24.99
C LEU B 80 7.47 2.96 -23.92
N ASN B 81 6.26 3.45 -23.75
CA ASN B 81 6.00 4.47 -22.73
C ASN B 81 5.01 3.94 -21.70
N VAL B 82 5.48 3.76 -20.47
CA VAL B 82 4.72 3.15 -19.39
C VAL B 82 4.42 4.23 -18.34
N ALA B 83 3.15 4.54 -18.12
CA ALA B 83 2.78 5.55 -17.10
C ALA B 83 2.53 4.88 -15.78
N VAL B 84 2.94 5.54 -14.68
CA VAL B 84 2.69 5.00 -13.37
C VAL B 84 2.09 6.13 -12.54
N THR B 85 0.82 6.00 -12.15
CA THR B 85 0.17 7.01 -11.29
C THR B 85 -0.15 6.42 -9.91
N GLY B 86 -0.56 7.27 -8.97
CA GLY B 86 -0.87 6.77 -7.64
C GLY B 86 -0.52 7.79 -6.57
N GLU B 87 -0.97 7.53 -5.34
CA GLU B 87 -0.73 8.45 -4.20
C GLU B 87 0.75 8.53 -3.86
N THR B 88 1.16 9.64 -3.23
CA THR B 88 2.52 9.75 -2.73
C THR B 88 2.78 8.57 -1.80
N GLY B 89 3.96 7.95 -1.93
CA GLY B 89 4.34 6.86 -1.06
C GLY B 89 3.69 5.52 -1.37
N SER B 90 3.00 5.43 -2.51
CA SER B 90 2.34 4.19 -2.87
C SER B 90 3.31 3.19 -3.50
N GLY B 91 4.55 3.63 -3.75
CA GLY B 91 5.58 2.77 -4.33
C GLY B 91 5.74 2.90 -5.83
N LYS B 92 5.49 4.10 -6.35
CA LYS B 92 5.63 4.38 -7.79
C LYS B 92 7.08 4.31 -8.22
N SER B 93 7.94 5.06 -7.56
CA SER B 93 9.36 5.08 -7.91
C SER B 93 9.99 3.71 -7.66
N SER B 94 9.56 3.05 -6.58
CA SER B 94 10.05 1.69 -6.30
C SER B 94 9.68 0.71 -7.41
N PHE B 95 8.43 0.76 -7.85
CA PHE B 95 7.96 -0.07 -8.95
C PHE B 95 8.74 0.18 -10.23
N ILE B 96 8.95 1.46 -10.54
CA ILE B 96 9.70 1.85 -11.74
C ILE B 96 11.15 1.34 -11.67
N ASN B 97 11.79 1.52 -10.52
CA ASN B 97 13.14 1.01 -10.32
C ASN B 97 13.25 -0.51 -10.44
N THR B 98 12.29 -1.22 -9.88
CA THR B 98 12.30 -2.68 -9.91
C THR B 98 12.22 -3.18 -11.34
N LEU B 99 11.35 -2.58 -12.14
CA LEU B 99 11.26 -2.98 -13.55
C LEU B 99 12.53 -2.63 -14.34
N ARG B 100 13.25 -1.61 -13.89
CA ARG B 100 14.49 -1.20 -14.57
C ARG B 100 15.69 -1.97 -14.06
N GLY B 101 15.49 -2.80 -13.05
CA GLY B 101 16.57 -3.56 -12.46
C GLY B 101 17.56 -2.68 -11.71
N ILE B 102 17.04 -1.60 -11.15
CA ILE B 102 17.86 -0.60 -10.46
C ILE B 102 17.46 -0.54 -8.99
N GLY B 103 18.43 -0.64 -8.08
CA GLY B 103 18.16 -0.46 -6.65
C GLY B 103 17.75 0.97 -6.34
N ASN B 104 16.96 1.14 -5.28
CA ASN B 104 16.42 2.46 -4.97
C ASN B 104 17.48 3.51 -4.60
N GLU B 105 18.65 3.04 -4.17
CA GLU B 105 19.74 3.96 -3.77
C GLU B 105 20.85 4.04 -4.82
N GLU B 106 20.74 3.24 -5.88
CA GLU B 106 21.72 3.26 -6.95
C GLU B 106 21.50 4.47 -7.86
N GLU B 107 22.48 4.77 -8.71
CA GLU B 107 22.41 5.92 -9.60
C GLU B 107 21.32 5.73 -10.65
N GLY B 108 20.62 6.80 -11.00
CA GLY B 108 19.58 6.74 -12.00
C GLY B 108 18.23 6.31 -11.45
N ALA B 109 18.21 5.96 -10.17
CA ALA B 109 16.98 5.53 -9.52
C ALA B 109 15.95 6.65 -9.47
N ALA B 110 14.69 6.30 -9.73
CA ALA B 110 13.60 7.23 -9.52
C ALA B 110 13.47 7.46 -8.02
N LYS B 111 13.36 8.71 -7.62
CA LYS B 111 13.23 9.02 -6.19
C LYS B 111 11.83 9.50 -5.83
N THR B 112 11.40 9.18 -4.62
CA THR B 112 10.06 9.51 -4.15
C THR B 112 9.86 11.01 -3.96
N GLY B 113 8.59 11.42 -3.91
CA GLY B 113 8.22 12.76 -3.53
C GLY B 113 8.37 13.83 -4.60
N VAL B 114 9.44 13.75 -5.40
CA VAL B 114 9.80 14.82 -6.32
C VAL B 114 8.70 15.23 -7.29
N VAL B 115 8.08 14.25 -7.96
CA VAL B 115 7.03 14.54 -8.92
CA VAL B 115 7.00 14.55 -8.91
C VAL B 115 5.84 15.25 -8.25
N GLU B 116 5.63 14.99 -6.96
CA GLU B 116 4.51 15.59 -6.25
C GLU B 116 4.72 17.09 -6.07
N VAL B 117 5.99 17.50 -6.01
CA VAL B 117 6.34 18.91 -5.92
C VAL B 117 6.26 19.60 -7.27
N THR B 118 6.85 18.98 -8.30
CA THR B 118 6.84 19.62 -9.61
C THR B 118 5.47 19.58 -10.23
N MET B 119 4.67 18.60 -9.82
CA MET B 119 3.37 18.29 -10.44
C MET B 119 3.48 17.98 -11.93
N GLU B 120 4.63 17.48 -12.35
CA GLU B 120 4.84 17.08 -13.74
C GLU B 120 5.39 15.67 -13.81
N ARG B 121 4.98 14.94 -14.83
CA ARG B 121 5.50 13.58 -15.03
C ARG B 121 7.00 13.65 -15.27
N HIS B 122 7.72 12.60 -14.85
CA HIS B 122 9.14 12.53 -15.13
C HIS B 122 9.48 11.18 -15.77
N PRO B 123 10.21 11.20 -16.89
CA PRO B 123 10.57 9.95 -17.56
C PRO B 123 11.84 9.31 -17.00
N TYR B 124 11.83 7.98 -16.92
CA TYR B 124 12.98 7.23 -16.47
C TYR B 124 13.25 6.13 -17.48
N LYS B 125 14.40 6.16 -18.12
CA LYS B 125 14.71 5.17 -19.15
C LYS B 125 15.25 3.88 -18.55
N HIS B 126 14.95 2.75 -19.19
CA HIS B 126 15.58 1.50 -18.80
C HIS B 126 17.07 1.63 -19.14
N PRO B 127 17.94 1.18 -18.22
CA PRO B 127 19.38 1.39 -18.40
C PRO B 127 19.98 0.65 -19.58
N ASN B 128 19.43 -0.52 -19.91
CA ASN B 128 20.01 -1.34 -20.96
C ASN B 128 19.22 -1.31 -22.25
N ILE B 129 17.93 -1.01 -22.14
CA ILE B 129 17.08 -0.82 -23.32
C ILE B 129 16.43 0.55 -23.18
N PRO B 130 17.14 1.63 -23.57
CA PRO B 130 16.66 3.00 -23.33
C PRO B 130 15.37 3.39 -24.07
N ASN B 131 14.95 2.61 -25.08
CA ASN B 131 13.65 2.86 -25.70
C ASN B 131 12.46 2.36 -24.87
N VAL B 132 12.74 1.78 -23.71
CA VAL B 132 11.70 1.45 -22.74
C VAL B 132 11.71 2.55 -21.68
N VAL B 133 10.64 3.33 -21.63
CA VAL B 133 10.63 4.52 -20.79
C VAL B 133 9.49 4.42 -19.80
N PHE B 134 9.80 4.60 -18.51
CA PHE B 134 8.77 4.65 -17.49
C PHE B 134 8.55 6.09 -17.09
N TRP B 135 7.28 6.47 -16.96
CA TRP B 135 6.94 7.82 -16.54
C TRP B 135 6.29 7.78 -15.16
N ASP B 136 6.93 8.46 -14.20
CA ASP B 136 6.38 8.63 -12.87
C ASP B 136 5.42 9.81 -12.95
N LEU B 137 4.16 9.60 -12.60
CA LEU B 137 3.18 10.69 -12.67
C LEU B 137 2.88 11.17 -11.25
N PRO B 138 2.65 12.47 -11.09
CA PRO B 138 2.27 12.96 -9.77
C PRO B 138 0.90 12.42 -9.40
N GLY B 139 0.67 12.12 -8.12
CA GLY B 139 -0.67 11.74 -7.68
C GLY B 139 -1.65 12.83 -8.06
N ILE B 140 -2.88 12.44 -8.39
CA ILE B 140 -3.86 13.44 -8.82
C ILE B 140 -4.11 14.42 -7.69
N GLY B 141 -3.97 13.92 -6.46
CA GLY B 141 -4.16 14.74 -5.26
C GLY B 141 -3.09 15.80 -5.08
N SER B 142 -1.96 15.62 -5.78
CA SER B 142 -0.87 16.59 -5.74
C SER B 142 -1.13 17.68 -6.75
N THR B 143 -2.19 17.52 -7.53
CA THR B 143 -2.60 18.54 -8.48
C THR B 143 -3.96 19.08 -8.10
N ASN B 144 -4.38 20.14 -8.79
CA ASN B 144 -5.74 20.62 -8.65
C ASN B 144 -6.52 20.24 -9.90
N PHE B 145 -6.27 19.03 -10.40
CA PHE B 145 -6.97 18.56 -11.57
C PHE B 145 -8.03 17.54 -11.20
N PRO B 146 -9.26 17.74 -11.71
CA PRO B 146 -10.29 16.69 -11.65
C PRO B 146 -9.81 15.56 -12.56
N PRO B 147 -10.38 14.35 -12.40
CA PRO B 147 -9.87 13.17 -13.12
C PRO B 147 -9.66 13.33 -14.62
N ASN B 148 -10.67 13.79 -15.36
CA ASN B 148 -10.55 13.91 -16.81
C ASN B 148 -9.48 14.91 -17.25
N THR B 149 -9.45 16.05 -16.56
CA THR B 149 -8.42 17.06 -16.81
C THR B 149 -7.04 16.51 -16.47
N TYR B 150 -6.95 15.72 -15.40
CA TYR B 150 -5.70 15.14 -14.95
C TYR B 150 -5.15 14.20 -16.02
N LEU B 151 -6.03 13.40 -16.61
CA LEU B 151 -5.61 12.46 -17.66
C LEU B 151 -5.16 13.21 -18.92
N GLU B 152 -5.85 14.29 -19.25
CA GLU B 152 -5.48 15.12 -20.40
C GLU B 152 -4.09 15.71 -20.19
N LYS B 153 -3.89 16.34 -19.03
CA LYS B 153 -2.62 16.98 -18.71
C LYS B 153 -1.44 16.01 -18.64
N MET B 154 -1.72 14.76 -18.25
CA MET B 154 -0.67 13.76 -18.12
C MET B 154 -0.46 13.02 -19.43
N LYS B 155 -1.24 13.39 -20.44
CA LYS B 155 -1.12 12.82 -21.78
C LYS B 155 -1.40 11.32 -21.84
N PHE B 156 -2.57 10.94 -21.31
CA PHE B 156 -3.01 9.55 -21.25
C PHE B 156 -2.82 8.74 -22.53
N TYR B 157 -3.17 9.33 -23.67
CA TYR B 157 -3.16 8.58 -24.93
C TYR B 157 -1.76 8.30 -25.48
N GLU B 158 -0.74 8.88 -24.86
CA GLU B 158 0.63 8.66 -25.33
C GLU B 158 1.29 7.41 -24.72
N TYR B 159 0.63 6.80 -23.76
CA TYR B 159 1.22 5.66 -23.07
C TYR B 159 0.76 4.33 -23.64
N ASP B 160 1.69 3.38 -23.73
CA ASP B 160 1.35 2.01 -24.09
C ASP B 160 0.63 1.32 -22.94
N PHE B 161 1.06 1.60 -21.71
CA PHE B 161 0.42 1.05 -20.53
C PHE B 161 0.14 2.19 -19.57
N PHE B 162 -1.03 2.20 -18.96
CA PHE B 162 -1.30 3.16 -17.87
C PHE B 162 -1.57 2.37 -16.60
N ILE B 163 -0.69 2.52 -15.60
CA ILE B 163 -0.74 1.68 -14.40
C ILE B 163 -1.10 2.52 -13.17
N ILE B 164 -2.18 2.16 -12.48
CA ILE B 164 -2.49 2.79 -11.21
C ILE B 164 -1.85 1.97 -10.10
N ILE B 165 -0.91 2.56 -9.37
CA ILE B 165 -0.27 1.94 -8.21
C ILE B 165 -1.00 2.34 -6.93
N SER B 166 -1.26 1.37 -6.05
CA SER B 166 -2.01 1.62 -4.80
C SER B 166 -1.45 0.73 -3.69
N ALA B 167 -1.27 1.29 -2.51
CA ALA B 167 -0.76 0.51 -1.39
C ALA B 167 -1.63 0.65 -0.14
N THR B 168 -1.55 -0.35 0.74
CA THR B 168 -2.13 -0.35 2.09
C THR B 168 -3.66 -0.31 2.11
N ARG B 169 -4.23 0.66 1.41
CA ARG B 169 -5.68 0.74 1.29
C ARG B 169 -6.09 1.55 0.06
N PHE B 170 -7.20 1.16 -0.55
CA PHE B 170 -7.73 1.82 -1.74
C PHE B 170 -8.07 3.27 -1.39
N LYS B 171 -7.65 4.24 -2.21
CA LYS B 171 -8.08 5.64 -2.01
C LYS B 171 -9.10 6.05 -3.05
N LYS B 172 -9.94 7.02 -2.72
CA LYS B 172 -10.93 7.56 -3.66
C LYS B 172 -10.29 8.00 -4.98
N ASN B 173 -9.13 8.64 -4.89
CA ASN B 173 -8.43 9.11 -6.07
C ASN B 173 -8.14 7.98 -7.04
N ASP B 174 -7.81 6.80 -6.49
CA ASP B 174 -7.48 5.64 -7.31
C ASP B 174 -8.70 5.25 -8.11
N ILE B 175 -9.86 5.28 -7.47
CA ILE B 175 -11.05 4.83 -8.15
C ILE B 175 -11.63 5.90 -9.09
N ASP B 176 -11.44 7.17 -8.74
CA ASP B 176 -11.89 8.24 -9.63
C ASP B 176 -11.12 8.22 -10.94
N ILE B 177 -9.81 8.00 -10.85
CA ILE B 177 -9.00 7.88 -12.05
C ILE B 177 -9.47 6.68 -12.88
N ALA B 178 -9.69 5.55 -12.23
CA ALA B 178 -10.18 4.34 -12.92
C ALA B 178 -11.54 4.57 -13.59
N LYS B 179 -12.45 5.22 -12.87
CA LYS B 179 -13.78 5.49 -13.43
C LYS B 179 -13.69 6.40 -14.64
N ALA B 180 -12.75 7.34 -14.60
CA ALA B 180 -12.58 8.28 -15.72
C ALA B 180 -12.06 7.56 -16.94
N ILE B 181 -11.08 6.68 -16.73
CA ILE B 181 -10.53 5.88 -17.83
C ILE B 181 -11.59 4.94 -18.42
N SER B 182 -12.36 4.30 -17.57
CA SER B 182 -13.47 3.45 -18.02
C SER B 182 -14.50 4.26 -18.82
N MET B 183 -14.71 5.50 -18.41
CA MET B 183 -15.60 6.42 -19.13
C MET B 183 -15.11 6.76 -20.54
N MET B 184 -13.79 6.78 -20.72
CA MET B 184 -13.20 7.01 -22.04
C MET B 184 -13.17 5.73 -22.85
N LYS B 185 -13.64 4.65 -22.25
CA LYS B 185 -13.53 3.31 -22.84
C LYS B 185 -12.10 3.00 -23.26
N LYS B 186 -11.17 3.29 -22.35
CA LYS B 186 -9.79 2.91 -22.54
C LYS B 186 -9.42 1.95 -21.41
N GLU B 187 -8.16 1.53 -21.38
N GLU B 187 -8.16 1.53 -21.38
CA GLU B 187 -7.73 0.49 -20.45
CA GLU B 187 -7.73 0.49 -20.45
C GLU B 187 -6.66 0.97 -19.48
C GLU B 187 -6.65 0.98 -19.48
N PHE B 188 -6.55 0.28 -18.35
CA PHE B 188 -5.51 0.56 -17.37
C PHE B 188 -5.20 -0.73 -16.62
N TYR B 189 -4.09 -0.75 -15.93
CA TYR B 189 -3.77 -1.86 -15.06
C TYR B 189 -3.79 -1.35 -13.62
N PHE B 190 -4.22 -2.19 -12.69
CA PHE B 190 -4.21 -1.81 -11.28
C PHE B 190 -3.19 -2.69 -10.57
N VAL B 191 -2.20 -2.05 -9.95
CA VAL B 191 -1.16 -2.77 -9.26
C VAL B 191 -1.17 -2.46 -7.77
N ARG B 192 -1.46 -3.47 -6.95
CA ARG B 192 -1.49 -3.28 -5.51
C ARG B 192 -0.11 -3.62 -4.97
N THR B 193 0.60 -2.60 -4.48
CA THR B 193 1.94 -2.80 -3.97
C THR B 193 1.93 -3.11 -2.49
N LYS B 194 3.12 -3.37 -1.94
CA LYS B 194 3.31 -3.56 -0.51
C LYS B 194 2.45 -4.64 0.12
N VAL B 195 2.12 -5.69 -0.63
CA VAL B 195 1.35 -6.78 -0.04
C VAL B 195 2.18 -7.50 1.02
N ASP B 196 3.49 -7.49 0.85
CA ASP B 196 4.39 -8.11 1.84
C ASP B 196 4.23 -7.41 3.19
N SER B 197 3.98 -6.10 3.15
CA SER B 197 3.80 -5.32 4.37
C SER B 197 2.49 -5.68 5.09
N ASP B 198 1.40 -5.77 4.33
CA ASP B 198 0.11 -6.17 4.89
C ASP B 198 0.17 -7.57 5.48
N ILE B 199 0.88 -8.46 4.80
CA ILE B 199 1.06 -9.83 5.28
C ILE B 199 1.85 -9.90 6.58
N THR B 200 2.97 -9.19 6.63
CA THR B 200 3.77 -9.13 7.84
C THR B 200 3.01 -8.48 8.99
N ASN B 201 2.24 -7.44 8.66
CA ASN B 201 1.52 -6.72 9.69
C ASN B 201 0.35 -7.53 10.28
N GLU B 202 -0.38 -8.24 9.43
CA GLU B 202 -1.42 -9.14 9.95
C GLU B 202 -0.82 -10.35 10.67
N ALA B 203 0.32 -10.83 10.19
CA ALA B 203 1.02 -11.91 10.88
C ALA B 203 1.45 -11.47 12.29
N ASP B 204 2.01 -10.27 12.40
CA ASP B 204 2.40 -9.73 13.71
C ASP B 204 1.20 -9.46 14.60
N GLY B 205 0.12 -8.96 14.01
CA GLY B 205 -1.01 -8.49 14.79
C GLY B 205 -2.03 -9.55 15.17
N LYS B 206 -2.19 -10.55 14.32
CA LYS B 206 -3.19 -11.61 14.53
C LYS B 206 -2.62 -13.00 14.31
N PRO B 207 -1.60 -13.41 15.10
CA PRO B 207 -0.96 -14.69 14.80
C PRO B 207 -1.87 -15.90 14.99
N GLN B 208 -2.83 -15.82 15.91
CA GLN B 208 -3.72 -16.94 16.20
C GLN B 208 -4.71 -17.24 15.09
N THR B 209 -4.80 -16.35 14.11
CA THR B 209 -5.77 -16.49 13.03
C THR B 209 -5.15 -16.14 11.66
N PHE B 210 -3.90 -15.69 11.67
CA PHE B 210 -3.22 -15.30 10.43
C PHE B 210 -3.06 -16.45 9.43
N ASP B 211 -3.41 -16.18 8.18
CA ASP B 211 -3.16 -17.08 7.07
C ASP B 211 -2.72 -16.29 5.84
N LYS B 212 -1.49 -16.53 5.40
CA LYS B 212 -0.87 -15.80 4.29
C LYS B 212 -1.75 -15.78 3.04
N GLU B 213 -2.27 -16.95 2.66
CA GLU B 213 -3.05 -17.07 1.44
C GLU B 213 -4.39 -16.37 1.55
N LYS B 214 -4.96 -16.36 2.75
CA LYS B 214 -6.24 -15.72 3.00
C LYS B 214 -6.12 -14.20 2.93
N VAL B 215 -5.06 -13.67 3.54
CA VAL B 215 -4.80 -12.25 3.50
C VAL B 215 -4.70 -11.76 2.07
N LEU B 216 -3.91 -12.46 1.26
CA LEU B 216 -3.79 -12.14 -0.16
C LEU B 216 -5.13 -12.18 -0.88
N GLN B 217 -5.87 -13.26 -0.68
CA GLN B 217 -7.18 -13.41 -1.32
C GLN B 217 -8.13 -12.28 -0.93
N ASP B 218 -8.15 -11.93 0.35
CA ASP B 218 -9.01 -10.86 0.83
C ASP B 218 -8.62 -9.47 0.32
N ILE B 219 -7.32 -9.24 0.16
CA ILE B 219 -6.87 -8.00 -0.46
C ILE B 219 -7.33 -7.97 -1.93
N ARG B 220 -7.16 -9.10 -2.60
N ARG B 220 -7.17 -9.10 -2.60
CA ARG B 220 -7.51 -9.18 -4.01
CA ARG B 220 -7.51 -9.18 -4.01
C ARG B 220 -8.99 -8.95 -4.22
C ARG B 220 -9.00 -8.94 -4.23
N LEU B 221 -9.82 -9.65 -3.46
CA LEU B 221 -11.27 -9.51 -3.57
C LEU B 221 -11.74 -8.12 -3.18
N ASN B 222 -11.05 -7.50 -2.22
CA ASN B 222 -11.36 -6.13 -1.90
C ASN B 222 -11.10 -5.21 -3.09
N CYS B 223 -10.03 -5.48 -3.84
CA CYS B 223 -9.78 -4.72 -5.05
C CYS B 223 -10.88 -5.00 -6.07
N VAL B 224 -11.11 -6.26 -6.39
CA VAL B 224 -12.17 -6.64 -7.33
C VAL B 224 -13.51 -6.01 -6.95
N ASN B 225 -13.88 -6.16 -5.68
CA ASN B 225 -15.17 -5.68 -5.18
C ASN B 225 -15.30 -4.16 -5.26
N THR B 226 -14.21 -3.46 -4.96
CA THR B 226 -14.18 -2.01 -5.04
C THR B 226 -14.50 -1.49 -6.44
N PHE B 227 -13.93 -2.12 -7.46
CA PHE B 227 -14.20 -1.72 -8.83
C PHE B 227 -15.65 -1.98 -9.20
N ARG B 228 -16.11 -3.21 -8.97
CA ARG B 228 -17.49 -3.58 -9.32
C ARG B 228 -18.49 -2.65 -8.64
N GLU B 229 -18.31 -2.43 -7.34
CA GLU B 229 -19.18 -1.54 -6.57
C GLU B 229 -19.21 -0.11 -7.08
N ASN B 230 -18.21 0.27 -7.86
CA ASN B 230 -18.13 1.63 -8.38
C ASN B 230 -18.41 1.74 -9.87
N GLY B 231 -19.04 0.71 -10.44
CA GLY B 231 -19.44 0.74 -11.83
C GLY B 231 -18.34 0.59 -12.88
N ILE B 232 -17.20 0.03 -12.47
CA ILE B 232 -16.11 -0.24 -13.39
C ILE B 232 -15.98 -1.75 -13.60
N ALA B 233 -15.88 -2.18 -14.84
CA ALA B 233 -15.55 -3.58 -15.12
C ALA B 233 -14.17 -3.82 -14.54
N GLU B 234 -13.98 -4.94 -13.85
CA GLU B 234 -12.70 -5.18 -13.19
C GLU B 234 -11.56 -5.14 -14.18
N PRO B 235 -10.56 -4.30 -13.91
CA PRO B 235 -9.35 -4.24 -14.74
C PRO B 235 -8.44 -5.39 -14.35
N PRO B 236 -7.36 -5.61 -15.12
CA PRO B 236 -6.34 -6.54 -14.64
C PRO B 236 -5.80 -6.03 -13.29
N ILE B 237 -5.68 -6.92 -12.32
CA ILE B 237 -5.30 -6.55 -10.95
C ILE B 237 -4.13 -7.42 -10.52
N PHE B 238 -3.10 -6.79 -9.96
CA PHE B 238 -1.88 -7.49 -9.58
C PHE B 238 -1.39 -7.10 -8.20
N LEU B 239 -1.24 -8.10 -7.33
CA LEU B 239 -0.77 -7.89 -5.97
C LEU B 239 0.68 -8.27 -5.97
N LEU B 240 1.55 -7.34 -5.59
CA LEU B 240 2.98 -7.62 -5.62
C LEU B 240 3.76 -6.84 -4.59
N SER B 241 5.06 -7.14 -4.52
CA SER B 241 5.97 -6.48 -3.61
C SER B 241 7.20 -6.03 -4.36
N ASN B 242 7.47 -4.73 -4.30
CA ASN B 242 8.70 -4.18 -4.88
C ASN B 242 9.95 -4.68 -4.15
N LYS B 243 9.75 -5.23 -2.95
CA LYS B 243 10.87 -5.71 -2.13
C LYS B 243 11.22 -7.16 -2.40
N ASN B 244 10.27 -7.95 -2.90
CA ASN B 244 10.55 -9.34 -3.24
C ASN B 244 9.90 -9.81 -4.54
N VAL B 245 10.65 -9.77 -5.63
CA VAL B 245 10.13 -10.15 -6.94
C VAL B 245 9.99 -11.66 -7.09
N CYS B 246 10.54 -12.40 -6.13
CA CYS B 246 10.50 -13.87 -6.16
C CYS B 246 9.11 -14.44 -5.91
N HIS B 247 8.14 -13.58 -5.62
CA HIS B 247 6.78 -14.04 -5.29
C HIS B 247 5.69 -13.08 -5.79
N TYR B 248 4.44 -13.50 -5.57
CA TYR B 248 3.26 -12.70 -5.89
C TYR B 248 3.09 -12.49 -7.41
N ASP B 249 2.47 -11.38 -7.81
CA ASP B 249 1.99 -11.27 -9.19
C ASP B 249 2.92 -10.64 -10.24
N PHE B 250 4.19 -10.41 -9.91
CA PHE B 250 5.09 -9.82 -10.90
C PHE B 250 5.16 -10.61 -12.24
N PRO B 251 5.34 -11.94 -12.17
CA PRO B 251 5.38 -12.70 -13.43
C PRO B 251 4.12 -12.59 -14.27
N VAL B 252 2.95 -12.73 -13.64
CA VAL B 252 1.70 -12.66 -14.40
C VAL B 252 1.46 -11.24 -14.90
N LEU B 253 1.97 -10.24 -14.18
CA LEU B 253 1.86 -8.86 -14.68
C LEU B 253 2.59 -8.70 -16.01
N MET B 254 3.82 -9.18 -16.04
CA MET B 254 4.62 -9.17 -17.24
C MET B 254 3.92 -9.88 -18.40
N ASP B 255 3.40 -11.09 -18.13
CA ASP B 255 2.65 -11.83 -19.14
C ASP B 255 1.56 -10.97 -19.75
N LYS B 256 0.80 -10.29 -18.89
CA LYS B 256 -0.34 -9.54 -19.36
C LYS B 256 0.08 -8.33 -20.19
N LEU B 257 1.13 -7.64 -19.75
CA LEU B 257 1.58 -6.43 -20.42
C LEU B 257 2.08 -6.74 -21.84
N ILE B 258 2.98 -7.70 -21.94
CA ILE B 258 3.51 -8.08 -23.25
C ILE B 258 2.39 -8.54 -24.21
N SER B 259 1.42 -9.30 -23.68
CA SER B 259 0.31 -9.79 -24.50
C SER B 259 -0.54 -8.65 -25.06
N ASP B 260 -0.57 -7.52 -24.36
CA ASP B 260 -1.38 -6.40 -24.83
C ASP B 260 -0.65 -5.54 -25.86
N LEU B 261 0.60 -5.88 -26.14
CA LEU B 261 1.40 -5.10 -27.09
C LEU B 261 1.27 -5.64 -28.52
N PRO B 262 1.42 -4.76 -29.52
CA PRO B 262 1.59 -5.19 -30.90
C PRO B 262 2.87 -5.99 -30.97
N ILE B 263 2.99 -6.92 -31.91
CA ILE B 263 4.15 -7.80 -31.96
C ILE B 263 5.49 -7.04 -31.96
N TYR B 264 5.57 -5.99 -32.76
CA TYR B 264 6.86 -5.32 -32.98
C TYR B 264 7.43 -4.66 -31.73
N LYS B 265 6.58 -4.39 -30.75
CA LYS B 265 7.08 -3.80 -29.52
C LYS B 265 7.51 -4.84 -28.51
N ARG B 266 7.25 -6.12 -28.79
CA ARG B 266 7.44 -7.16 -27.79
C ARG B 266 8.89 -7.44 -27.44
N HIS B 267 9.75 -7.55 -28.46
CA HIS B 267 11.17 -7.77 -28.27
C HIS B 267 11.81 -6.84 -27.24
N ASN B 268 11.68 -5.53 -27.46
CA ASN B 268 12.30 -4.54 -26.58
C ASN B 268 11.80 -4.66 -25.15
N PHE B 269 10.48 -4.76 -24.99
CA PHE B 269 9.93 -4.86 -23.64
C PHE B 269 10.41 -6.15 -22.99
N MET B 270 10.33 -7.24 -23.72
CA MET B 270 10.72 -8.54 -23.20
C MET B 270 12.16 -8.58 -22.71
N VAL B 271 13.10 -8.09 -23.53
CA VAL B 271 14.51 -8.19 -23.12
C VAL B 271 14.81 -7.27 -21.93
N SER B 272 14.00 -6.24 -21.74
CA SER B 272 14.19 -5.31 -20.61
C SER B 272 13.73 -5.88 -19.26
N LEU B 273 12.89 -6.91 -19.28
CA LEU B 273 12.26 -7.40 -18.03
C LEU B 273 13.23 -7.99 -17.01
N PRO B 274 12.98 -7.73 -15.72
CA PRO B 274 13.71 -8.38 -14.63
C PRO B 274 13.67 -9.90 -14.76
N ASN B 275 14.80 -10.57 -14.51
CA ASN B 275 14.91 -12.01 -14.74
C ASN B 275 14.41 -12.89 -13.59
N ILE B 276 13.14 -12.74 -13.25
CA ILE B 276 12.59 -13.20 -11.98
C ILE B 276 11.99 -14.61 -11.92
N THR B 277 11.70 -15.20 -13.07
CA THR B 277 11.26 -16.59 -13.10
C THR B 277 11.95 -17.35 -14.24
N ASP B 278 11.90 -18.67 -14.18
CA ASP B 278 12.44 -19.49 -15.25
C ASP B 278 11.64 -19.23 -16.54
N SER B 279 10.36 -18.90 -16.39
CA SER B 279 9.51 -18.65 -17.55
C SER B 279 9.89 -17.35 -18.26
N VAL B 280 10.11 -16.29 -17.49
CA VAL B 280 10.56 -15.03 -18.06
C VAL B 280 11.90 -15.23 -18.78
N ILE B 281 12.83 -15.89 -18.11
CA ILE B 281 14.13 -16.19 -18.72
C ILE B 281 13.99 -17.01 -20.00
N GLU B 282 13.20 -18.08 -19.95
CA GLU B 282 12.99 -18.93 -21.12
C GLU B 282 12.36 -18.15 -22.27
N LYS B 283 11.43 -17.27 -21.93
CA LYS B 283 10.72 -16.49 -22.95
C LYS B 283 11.66 -15.49 -23.61
N LYS B 284 12.60 -14.93 -22.84
CA LYS B 284 13.62 -14.07 -23.44
C LYS B 284 14.49 -14.85 -24.40
N ARG B 285 14.84 -16.08 -24.01
N ARG B 285 14.83 -16.09 -24.02
CA ARG B 285 15.65 -16.96 -24.85
CA ARG B 285 15.65 -16.94 -24.88
C ARG B 285 14.96 -17.21 -26.19
C ARG B 285 14.94 -17.18 -26.21
N GLN B 286 13.65 -17.44 -26.14
N GLN B 286 13.64 -17.44 -26.15
CA GLN B 286 12.89 -17.71 -27.36
CA GLN B 286 12.87 -17.71 -27.37
C GLN B 286 12.90 -16.54 -28.32
C GLN B 286 12.88 -16.54 -28.33
N PHE B 287 12.69 -15.34 -27.81
CA PHE B 287 12.72 -14.14 -28.65
C PHE B 287 14.10 -13.94 -29.29
N LEU B 288 15.14 -14.17 -28.49
CA LEU B 288 16.50 -13.90 -28.95
C LEU B 288 16.95 -14.97 -29.93
N LYS B 289 16.42 -16.18 -29.79
CA LYS B 289 16.70 -17.23 -30.77
C LYS B 289 16.17 -16.87 -32.16
N GLN B 290 15.02 -16.21 -32.20
CA GLN B 290 14.45 -15.78 -33.46
C GLN B 290 15.26 -14.64 -34.03
N ARG B 291 15.82 -13.82 -33.15
CA ARG B 291 16.65 -12.72 -33.65
C ARG B 291 17.91 -13.27 -34.29
N ILE B 292 18.48 -14.29 -33.67
CA ILE B 292 19.68 -14.92 -34.23
C ILE B 292 19.38 -15.50 -35.59
N TRP B 293 18.20 -16.09 -35.73
CA TRP B 293 17.81 -16.72 -36.98
C TRP B 293 17.70 -15.67 -38.08
N LEU B 294 17.05 -14.55 -37.77
CA LEU B 294 16.91 -13.45 -38.72
C LEU B 294 18.27 -12.89 -39.11
N GLU B 295 19.15 -12.72 -38.12
CA GLU B 295 20.48 -12.16 -38.35
C GLU B 295 21.33 -13.14 -39.15
N GLY B 296 21.13 -14.41 -38.88
CA GLY B 296 21.89 -15.45 -39.57
C GLY B 296 21.52 -15.48 -41.03
N PHE B 297 20.23 -15.34 -41.34
CA PHE B 297 19.80 -15.33 -42.74
C PHE B 297 20.22 -14.05 -43.46
N ALA B 298 20.14 -12.92 -42.76
CA ALA B 298 20.59 -11.64 -43.32
C ALA B 298 22.07 -11.67 -43.70
N ALA B 299 22.86 -12.42 -42.96
CA ALA B 299 24.30 -12.47 -43.19
C ALA B 299 24.71 -13.32 -44.40
N ASP B 300 23.76 -14.05 -45.00
CA ASP B 300 23.95 -15.10 -46.04
C ASP B 300 24.25 -16.48 -45.45
N LEU B 301 23.46 -17.48 -45.87
CA LEU B 301 23.75 -18.87 -45.56
C LEU B 301 24.97 -19.32 -46.39
N VAL B 302 25.74 -20.28 -45.89
CA VAL B 302 26.88 -20.79 -46.66
C VAL B 302 26.76 -22.26 -46.97
N ASN B 303 27.71 -22.78 -47.74
CA ASN B 303 27.72 -24.18 -48.13
C ASN B 303 28.92 -24.93 -47.54
N ILE B 304 29.37 -24.48 -46.39
CA ILE B 304 30.44 -25.16 -45.67
C ILE B 304 30.06 -25.37 -44.20
N ILE B 305 30.40 -26.56 -43.70
CA ILE B 305 30.07 -26.96 -42.33
C ILE B 305 30.85 -26.09 -41.32
N PRO B 306 30.20 -25.68 -40.21
CA PRO B 306 30.84 -24.72 -39.30
C PRO B 306 32.01 -25.28 -38.49
N SER B 307 32.18 -26.60 -38.49
CA SER B 307 33.32 -27.22 -37.81
C SER B 307 34.60 -27.15 -38.65
N LEU B 308 34.49 -26.66 -39.87
CA LEU B 308 35.65 -26.57 -40.77
C LEU B 308 35.87 -25.13 -41.24
N THR B 309 35.37 -24.18 -40.46
CA THR B 309 35.67 -22.78 -40.75
C THR B 309 36.35 -22.19 -39.54
N PHE B 310 36.84 -20.97 -39.68
CA PHE B 310 37.51 -20.27 -38.60
CA PHE B 310 37.39 -20.30 -38.52
C PHE B 310 36.92 -18.87 -38.41
N LEU B 311 37.24 -18.27 -37.28
CA LEU B 311 36.77 -16.94 -36.96
C LEU B 311 37.82 -15.87 -37.25
N LEU B 312 37.46 -14.95 -38.13
CA LEU B 312 38.24 -13.74 -38.31
C LEU B 312 38.10 -12.91 -37.05
N ASP B 313 39.02 -11.96 -36.85
CA ASP B 313 38.94 -11.07 -35.69
C ASP B 313 37.65 -10.26 -35.69
N SER B 314 37.14 -9.93 -36.87
CA SER B 314 35.87 -9.20 -36.98
C SER B 314 34.70 -10.04 -36.45
N ASP B 315 34.76 -11.34 -36.66
CA ASP B 315 33.78 -12.27 -36.11
C ASP B 315 33.92 -12.40 -34.60
N LEU B 316 35.15 -12.59 -34.14
CA LEU B 316 35.43 -12.73 -32.72
C LEU B 316 34.93 -11.50 -31.96
N GLU B 317 35.14 -10.33 -32.56
CA GLU B 317 34.70 -9.06 -31.98
C GLU B 317 33.18 -9.03 -31.85
N THR B 318 32.50 -9.38 -32.95
CA THR B 318 31.04 -9.45 -32.95
C THR B 318 30.54 -10.44 -31.89
N LEU B 319 31.25 -11.56 -31.75
CA LEU B 319 30.91 -12.56 -30.72
C LEU B 319 31.05 -12.05 -29.31
N LYS B 320 32.16 -11.38 -29.03
CA LYS B 320 32.38 -10.83 -27.70
C LYS B 320 31.31 -9.81 -27.37
N LYS B 321 30.93 -9.00 -28.36
CA LYS B 321 29.86 -8.02 -28.15
C LYS B 321 28.50 -8.69 -27.98
N SER B 322 28.31 -9.82 -28.66
CA SER B 322 27.08 -10.58 -28.50
C SER B 322 26.98 -11.15 -27.10
N MET B 323 28.08 -11.71 -26.60
CA MET B 323 28.09 -12.32 -25.27
C MET B 323 27.81 -11.26 -24.24
N LYS B 324 28.44 -10.11 -24.38
CA LYS B 324 28.19 -9.02 -23.43
C LYS B 324 26.75 -8.53 -23.43
N PHE B 325 26.13 -8.44 -24.60
CA PHE B 325 24.72 -8.08 -24.67
C PHE B 325 23.85 -9.13 -23.98
N TYR B 326 24.05 -10.40 -24.31
CA TYR B 326 23.30 -11.48 -23.67
C TYR B 326 23.44 -11.51 -22.15
N ARG B 327 24.68 -11.48 -21.67
CA ARG B 327 24.90 -11.48 -20.23
C ARG B 327 24.13 -10.35 -19.55
N THR B 328 24.17 -9.16 -20.15
CA THR B 328 23.46 -8.00 -19.60
C THR B 328 21.94 -8.19 -19.58
N VAL B 329 21.40 -8.66 -20.70
CA VAL B 329 19.96 -8.91 -20.85
C VAL B 329 19.47 -9.85 -19.76
N PHE B 330 20.30 -10.85 -19.46
CA PHE B 330 19.91 -11.91 -18.53
C PHE B 330 20.46 -11.69 -17.13
N GLY B 331 20.99 -10.50 -16.88
CA GLY B 331 21.48 -10.14 -15.56
C GLY B 331 22.65 -10.94 -15.03
N VAL B 332 23.50 -11.47 -15.92
CA VAL B 332 24.69 -12.17 -15.44
C VAL B 332 25.97 -11.44 -15.88
N ASP B 333 25.79 -10.19 -16.30
CA ASP B 333 26.91 -9.32 -16.66
C ASP B 333 27.72 -8.92 -15.43
N GLU B 334 28.93 -8.41 -15.66
CA GLU B 334 29.89 -8.05 -14.61
C GLU B 334 29.27 -7.24 -13.46
N THR B 335 28.65 -6.12 -13.83
CA THR B 335 28.03 -5.24 -12.85
C THR B 335 26.99 -5.99 -12.03
N SER B 336 26.14 -6.76 -12.72
CA SER B 336 25.10 -7.52 -12.05
C SER B 336 25.70 -8.54 -11.07
N LEU B 337 26.81 -9.14 -11.46
CA LEU B 337 27.48 -10.13 -10.61
C LEU B 337 28.11 -9.48 -9.37
N GLN B 338 28.69 -8.31 -9.56
CA GLN B 338 29.28 -7.56 -8.44
C GLN B 338 28.21 -7.27 -7.39
N ARG B 339 27.09 -6.73 -7.83
CA ARG B 339 25.95 -6.43 -6.96
C ARG B 339 25.53 -7.64 -6.15
N LEU B 340 25.47 -8.80 -6.80
CA LEU B 340 25.15 -10.05 -6.13
C LEU B 340 26.18 -10.39 -5.06
N ALA B 341 27.45 -10.11 -5.38
CA ALA B 341 28.56 -10.43 -4.50
C ALA B 341 28.51 -9.65 -3.18
N ARG B 342 28.23 -8.36 -3.26
CA ARG B 342 28.08 -7.53 -2.06
C ARG B 342 26.98 -8.07 -1.16
N ASP B 343 25.87 -8.46 -1.79
CA ASP B 343 24.64 -8.80 -1.08
C ASP B 343 24.68 -10.17 -0.43
N TRP B 344 25.33 -11.12 -1.09
CA TRP B 344 25.62 -12.40 -0.47
C TRP B 344 26.88 -12.27 0.35
N GLU B 345 27.44 -11.05 0.34
CA GLU B 345 28.66 -10.72 1.06
C GLU B 345 29.81 -11.65 0.69
N ILE B 346 30.21 -11.58 -0.56
CA ILE B 346 31.29 -12.42 -1.07
C ILE B 346 32.08 -11.73 -2.17
N GLU B 347 33.12 -12.42 -2.62
CA GLU B 347 33.93 -11.95 -3.73
C GLU B 347 33.26 -12.31 -5.05
N VAL B 348 33.37 -11.41 -6.02
CA VAL B 348 32.79 -11.61 -7.36
C VAL B 348 33.19 -12.94 -7.97
N ASP B 349 34.42 -13.36 -7.71
CA ASP B 349 34.95 -14.60 -8.25
C ASP B 349 34.22 -15.82 -7.69
N GLN B 350 33.53 -15.65 -6.58
CA GLN B 350 32.67 -16.72 -6.04
C GLN B 350 31.36 -16.79 -6.82
N VAL B 351 30.85 -15.63 -7.21
CA VAL B 351 29.63 -15.58 -8.02
C VAL B 351 29.93 -16.08 -9.44
N GLU B 352 30.96 -15.51 -10.05
CA GLU B 352 31.41 -15.92 -11.40
C GLU B 352 31.62 -17.43 -11.47
N ALA B 353 32.13 -18.01 -10.38
CA ALA B 353 32.43 -19.44 -10.34
C ALA B 353 31.18 -20.33 -10.35
N MET B 354 30.02 -19.75 -10.06
CA MET B 354 28.78 -20.52 -10.06
C MET B 354 28.20 -20.75 -11.46
N ILE B 355 28.67 -19.96 -12.42
CA ILE B 355 28.11 -19.97 -13.77
C ILE B 355 29.20 -20.12 -14.82
N LYS B 356 28.82 -20.13 -16.10
CA LYS B 356 29.76 -20.44 -17.19
C LYS B 356 30.17 -19.25 -18.06
N SER B 357 29.22 -18.39 -18.39
CA SER B 357 29.52 -17.29 -19.31
C SER B 357 30.74 -16.39 -18.99
N PRO B 358 31.03 -16.11 -17.70
CA PRO B 358 32.16 -15.20 -17.45
C PRO B 358 33.53 -15.76 -17.86
N ALA B 359 33.67 -17.08 -17.92
CA ALA B 359 34.96 -17.70 -18.21
C ALA B 359 35.28 -17.88 -19.69
N VAL B 360 34.27 -17.71 -20.55
CA VAL B 360 34.40 -18.09 -21.97
C VAL B 360 35.59 -17.48 -22.71
N PHE B 361 35.75 -16.16 -22.58
CA PHE B 361 36.85 -15.47 -23.23
C PHE B 361 37.97 -15.17 -22.25
N LYS B 362 38.05 -15.97 -21.21
CA LYS B 362 39.12 -15.85 -20.24
C LYS B 362 40.17 -16.91 -20.46
N PRO B 363 41.44 -16.51 -20.34
CA PRO B 363 42.64 -17.37 -20.32
C PRO B 363 42.41 -18.74 -19.67
N GLU B 366 43.77 -22.60 -20.73
CA GLU B 366 44.78 -23.54 -21.19
C GLU B 366 44.35 -24.21 -22.50
N GLU B 367 43.06 -24.48 -22.63
CA GLU B 367 42.44 -24.71 -23.92
C GLU B 367 42.35 -23.31 -24.50
N THR B 368 42.82 -23.12 -25.73
CA THR B 368 42.76 -21.79 -26.35
C THR B 368 41.32 -21.37 -26.60
N ILE B 369 41.11 -20.10 -26.92
CA ILE B 369 39.79 -19.61 -27.29
C ILE B 369 39.36 -20.26 -28.61
N GLN B 370 40.31 -20.42 -29.52
CA GLN B 370 40.02 -21.03 -30.81
CA GLN B 370 40.02 -21.02 -30.81
C GLN B 370 39.59 -22.48 -30.67
N GLU B 371 40.28 -23.23 -29.82
CA GLU B 371 39.88 -24.60 -29.53
C GLU B 371 38.52 -24.62 -28.84
N ARG B 372 38.33 -23.69 -27.91
CA ARG B 372 37.08 -23.62 -27.13
C ARG B 372 35.87 -23.35 -28.02
N LEU B 373 35.97 -22.37 -28.91
CA LEU B 373 34.85 -22.09 -29.81
C LEU B 373 34.60 -23.29 -30.75
N SER B 374 35.67 -23.91 -31.21
CA SER B 374 35.55 -25.13 -32.01
C SER B 374 34.80 -26.23 -31.25
N ARG B 375 35.11 -26.40 -29.98
CA ARG B 375 34.41 -27.39 -29.16
C ARG B 375 32.92 -27.05 -28.99
N TYR B 376 32.64 -25.77 -28.78
CA TYR B 376 31.23 -25.36 -28.67
C TYR B 376 30.45 -25.69 -29.95
N ILE B 377 31.07 -25.50 -31.11
CA ILE B 377 30.42 -25.85 -32.38
C ILE B 377 30.07 -27.35 -32.42
N GLN B 378 31.02 -28.20 -32.05
CA GLN B 378 30.80 -29.64 -32.10
C GLN B 378 29.70 -30.05 -31.13
N GLU B 379 29.75 -29.51 -29.91
CA GLU B 379 28.72 -29.80 -28.92
C GLU B 379 27.34 -29.35 -29.40
N PHE B 380 27.26 -28.13 -29.95
CA PHE B 380 25.97 -27.63 -30.40
C PHE B 380 25.43 -28.43 -31.57
N CYS B 381 26.29 -28.74 -32.53
CA CYS B 381 25.81 -29.33 -33.75
C CYS B 381 25.55 -30.81 -33.54
N LEU B 382 26.22 -31.39 -32.54
CA LEU B 382 25.94 -32.77 -32.15
C LEU B 382 24.56 -32.87 -31.52
N ALA B 383 24.24 -31.91 -30.66
CA ALA B 383 22.98 -31.92 -29.92
C ALA B 383 21.78 -31.44 -30.75
N ASN B 384 22.04 -30.56 -31.72
CA ASN B 384 20.93 -29.83 -32.36
C ASN B 384 20.91 -29.91 -33.88
N GLY B 385 21.95 -30.48 -34.47
CA GLY B 385 22.11 -30.46 -35.91
C GLY B 385 22.49 -29.07 -36.42
N TYR B 386 22.39 -28.87 -37.73
CA TYR B 386 22.77 -27.62 -38.35
C TYR B 386 21.59 -26.69 -38.63
N LEU B 387 20.39 -27.13 -38.21
CA LEU B 387 19.13 -26.35 -38.24
C LEU B 387 18.53 -26.12 -39.63
N LEU B 388 19.16 -26.68 -40.66
CA LEU B 388 18.88 -26.30 -42.03
C LEU B 388 18.86 -27.52 -42.93
N PRO B 389 18.27 -27.40 -44.14
CA PRO B 389 18.26 -28.53 -45.08
C PRO B 389 19.68 -28.99 -45.37
N LYS B 390 19.82 -30.21 -45.88
CA LYS B 390 21.14 -30.79 -46.04
C LYS B 390 22.04 -29.86 -46.86
N ASN B 391 23.30 -29.77 -46.45
CA ASN B 391 24.33 -29.02 -47.17
C ASN B 391 24.21 -27.50 -47.15
N SER B 392 23.30 -26.98 -46.32
CA SER B 392 23.17 -25.54 -46.07
C SER B 392 23.45 -25.30 -44.60
N PHE B 393 24.11 -24.18 -44.30
CA PHE B 393 24.52 -23.90 -42.91
C PHE B 393 24.48 -22.42 -42.65
N LEU B 394 24.27 -22.05 -41.39
CA LEU B 394 24.50 -20.68 -41.00
C LEU B 394 26.01 -20.51 -40.93
N LYS B 395 26.47 -19.27 -40.99
CA LYS B 395 27.86 -18.99 -40.66
C LYS B 395 28.14 -19.36 -39.21
N GLU B 396 29.35 -19.87 -38.97
CA GLU B 396 29.77 -20.41 -37.68
C GLU B 396 29.40 -19.49 -36.51
N ILE B 397 29.56 -18.18 -36.69
CA ILE B 397 29.28 -17.22 -35.61
C ILE B 397 27.87 -17.36 -35.07
N PHE B 398 26.94 -17.79 -35.91
CA PHE B 398 25.55 -17.84 -35.46
C PHE B 398 25.23 -19.07 -34.62
N TYR B 399 25.86 -20.20 -34.91
CA TYR B 399 25.78 -21.36 -34.01
C TYR B 399 26.41 -21.00 -32.66
N LEU B 400 27.50 -20.23 -32.71
CA LEU B 400 28.13 -19.79 -31.45
C LEU B 400 27.20 -18.90 -30.65
N LYS B 401 26.49 -17.99 -31.32
CA LYS B 401 25.55 -17.13 -30.58
C LYS B 401 24.45 -17.95 -29.93
N TYR B 402 23.96 -18.96 -30.63
CA TYR B 402 22.94 -19.84 -30.06
C TYR B 402 23.51 -20.54 -28.83
N TYR B 403 24.74 -21.00 -28.94
CA TYR B 403 25.40 -21.67 -27.83
C TYR B 403 25.56 -20.72 -26.66
N PHE B 404 26.05 -19.51 -26.93
CA PHE B 404 26.20 -18.50 -25.87
C PHE B 404 24.85 -18.18 -25.24
N LEU B 405 23.82 -18.10 -26.07
CA LEU B 405 22.48 -17.77 -25.55
C LEU B 405 21.97 -18.87 -24.61
N ASP B 406 22.20 -20.14 -24.97
CA ASP B 406 21.83 -21.24 -24.06
C ASP B 406 22.59 -21.15 -22.74
N MET B 407 23.87 -20.85 -22.83
CA MET B 407 24.74 -20.78 -21.66
C MET B 407 24.32 -19.65 -20.73
N VAL B 408 24.10 -18.46 -21.28
CA VAL B 408 23.69 -17.31 -20.48
C VAL B 408 22.30 -17.53 -19.86
N THR B 409 21.42 -18.17 -20.62
CA THR B 409 20.08 -18.50 -20.13
C THR B 409 20.18 -19.40 -18.90
N GLU B 410 20.94 -20.47 -19.02
CA GLU B 410 21.17 -21.41 -17.93
CA GLU B 410 21.12 -21.39 -17.90
C GLU B 410 21.81 -20.72 -16.72
N ASP B 411 22.80 -19.86 -17.00
CA ASP B 411 23.49 -19.11 -15.94
C ASP B 411 22.51 -18.28 -15.15
N ALA B 412 21.55 -17.66 -15.86
CA ALA B 412 20.56 -16.81 -15.20
C ALA B 412 19.62 -17.60 -14.31
N LYS B 413 19.23 -18.80 -14.76
CA LYS B 413 18.37 -19.68 -13.96
C LYS B 413 19.10 -20.14 -12.71
N THR B 414 20.38 -20.46 -12.88
CA THR B 414 21.22 -20.88 -11.76
C THR B 414 21.29 -19.81 -10.66
N LEU B 415 21.53 -18.57 -11.06
CA LEU B 415 21.62 -17.49 -10.08
C LEU B 415 20.25 -17.10 -9.53
N LEU B 416 19.21 -17.20 -10.34
CA LEU B 416 17.87 -16.87 -9.88
C LEU B 416 17.47 -17.82 -8.74
N LYS B 417 17.87 -19.08 -8.88
CA LYS B 417 17.58 -20.09 -7.87
C LYS B 417 18.17 -19.68 -6.53
N GLU B 418 19.36 -19.10 -6.57
CA GLU B 418 20.00 -18.59 -5.38
C GLU B 418 19.28 -17.36 -4.83
N ILE B 419 19.07 -16.35 -5.68
CA ILE B 419 18.39 -15.13 -5.29
C ILE B 419 17.00 -15.40 -4.68
N CYS B 420 16.12 -16.00 -5.47
CA CYS B 420 14.78 -16.34 -5.00
C CYS B 420 14.84 -17.49 -4.01
N LEU B 421 15.54 -17.27 -2.90
CA LEU B 421 15.72 -18.27 -1.84
C LEU B 421 16.63 -17.72 -0.74
PB ADP C . -7.30 12.38 28.02
O1B ADP C . -6.54 12.32 26.72
O2B ADP C . -6.49 11.93 29.20
O3B ADP C . -8.05 13.67 28.29
PA ADP C . -9.02 10.36 29.05
O1A ADP C . -10.52 10.43 29.08
O2A ADP C . -8.28 10.62 30.35
O3A ADP C . -8.48 11.28 27.85
O5' ADP C . -8.61 8.90 28.53
C5' ADP C . -7.27 8.65 28.10
C4' ADP C . -7.32 7.46 27.16
O4' ADP C . -8.00 6.40 27.83
C3' ADP C . -8.12 7.80 25.91
O3' ADP C . -7.53 7.10 24.80
C2' ADP C . -9.47 7.20 26.16
O2' ADP C . -10.04 6.78 24.93
C1' ADP C . -9.16 6.02 27.07
N9 ADP C . -10.29 5.68 27.97
C8 ADP C . -10.93 6.53 28.82
N7 ADP C . -11.92 5.88 29.49
C5 ADP C . -11.93 4.61 29.05
C6 ADP C . -12.75 3.43 29.36
N6 ADP C . -13.75 3.48 30.28
N1 ADP C . -12.44 2.29 28.73
C2 ADP C . -11.44 2.23 27.81
N3 ADP C . -10.65 3.27 27.47
C4 ADP C . -10.86 4.48 28.07
C1 BME D . -1.43 1.78 16.84
C2 BME D . -0.68 1.20 15.65
O1 BME D . -0.70 1.55 18.03
S2 BME D . -0.43 -0.58 15.83
C1 EDO E . -16.48 8.51 32.43
O1 EDO E . -16.11 8.73 31.06
C2 EDO E . -17.08 9.78 33.04
O2 EDO E . -18.42 10.01 32.53
C1 EDO F . -26.94 25.14 12.57
O1 EDO F . -25.68 25.78 12.41
C2 EDO F . -27.63 25.55 13.87
O2 EDO F . -27.33 26.92 14.12
C1 EDO G . -7.74 16.65 3.68
O1 EDO G . -7.28 17.97 3.38
C2 EDO G . -6.75 15.96 4.61
O2 EDO G . -6.58 16.72 5.80
C1 EDO H . -12.17 13.24 32.83
O1 EDO H . -10.97 13.14 32.06
C2 EDO H . -12.57 11.87 33.34
O2 EDO H . -13.03 11.05 32.25
PB GDP I . 6.50 6.78 -4.27
O1B GDP I . 6.25 8.15 -3.66
O2B GDP I . 5.18 6.25 -4.80
O3B GDP I . 7.52 6.90 -5.38
O3A GDP I . 6.93 5.83 -3.06
PA GDP I . 8.26 4.94 -2.89
O1A GDP I . 9.50 5.68 -2.47
O2A GDP I . 8.53 4.12 -4.14
O5' GDP I . 7.76 4.01 -1.69
C5' GDP I . 7.51 4.63 -0.44
C4' GDP I . 8.05 3.76 0.68
O4' GDP I . 7.43 2.48 0.60
C3' GDP I . 9.53 3.54 0.47
O3' GDP I . 10.18 3.52 1.74
C2' GDP I . 9.64 2.18 -0.17
O2' GDP I . 10.83 1.48 0.22
C1' GDP I . 8.42 1.47 0.36
N9 GDP I . 7.88 0.47 -0.59
C8 GDP I . 7.55 0.66 -1.88
N7 GDP I . 7.08 -0.49 -2.44
C5 GDP I . 7.11 -1.44 -1.48
C6 GDP I . 6.76 -2.87 -1.38
O6 GDP I . 6.29 -3.49 -2.36
N1 GDP I . 6.94 -3.48 -0.21
C2 GDP I . 7.43 -2.84 0.87
N2 GDP I . 7.59 -3.53 2.03
N3 GDP I . 7.77 -1.53 0.85
C4 GDP I . 7.63 -0.80 -0.27
C1 EDO J . 18.38 -24.60 -31.62
O1 EDO J . 18.15 -24.22 -30.25
C2 EDO J . 18.28 -23.38 -32.52
O2 EDO J . 16.99 -22.79 -32.41
C1 EDO K . 34.87 -21.22 -45.77
O1 EDO K . 35.01 -20.47 -46.99
C2 EDO K . 36.23 -21.51 -45.14
O2 EDO K . 37.00 -20.32 -45.00
#